data_3N8X
#
_entry.id   3N8X
#
_cell.length_a   181.709
_cell.length_b   181.709
_cell.length_c   103.454
_cell.angle_alpha   90.00
_cell.angle_beta   90.00
_cell.angle_gamma   120.00
#
_symmetry.space_group_name_H-M   'P 65'
#
loop_
_entity.id
_entity.type
_entity.pdbx_description
1 polymer 'Prostaglandin G/H synthase 1'
2 branched 2-acetamido-2-deoxy-beta-D-glucopyranose-(1-4)-2-acetamido-2-deoxy-beta-D-glucopyranose
3 branched beta-D-mannopyranose-(1-6)-beta-D-mannopyranose-(1-6)-beta-D-mannopyranose-(1-4)-2-acetamido-2-deoxy-beta-D-glucopyranose-(1-4)-2-acetamido-2-deoxy-beta-D-glucopyranose
4 non-polymer 'PROTOPORPHYRIN IX CONTAINING FE'
5 non-polymer 2-acetamido-2-deoxy-beta-D-glucopyranose
6 non-polymer 4-NITRO-2-PHENOXYMETHANESULFONANILIDE
7 non-polymer 'octyl beta-D-glucopyranoside'
8 water water
#
_entity_poly.entity_id   1
_entity_poly.type   'polypeptide(L)'
_entity_poly.pdbx_seq_one_letter_code
;PVNPCCYYPCQHQGICVRFGLDRYQCDCTRTGYSGPNCTIPEIWTWLRTTLRPSPSFIHFLLTHGRWLWDFVNATFIRDT
LMRLVLTVRSNLIPSPPTYNIAHDYISWESFSNVSYYTRILPSVPRDCPTPMGTKGKKQLPDAEFLSRRFLLRRKFIPDP
QGTNLMFAFFAQHFTHQFFKTSGKMGPGFTKALGHGVDLGHIYGDNLERQYQLRLFKDGKLKYQMLNGEVYPPSVEEAPV
LMHYPRGIPPQSQMAVGQEVFGLLPGLMLYATIWLREHNRVCDLLKAEHPTWGDEQLFQTARLILIGETIKIVIEEYVQQ
LSGYFLQLKFDPELLFGAQFQYRNRIAMEFNQLYHWHPLMPDSFRVGPQDYSYEQFLFNTSMLVDYGVEALVDAFSRQPA
GRIGGGRNIDHHILHVAVDVIKESRVLRLQPFNEYRKRFGMKPYTSFQELTGEKEMAAELEELYGDIDALEFYPGLLLEK
CHPNSIFGESMIEMGAPFSLKGLLGNPICSPEYWKASTFGGEVGFNLVKTATLKKLVCLNTKTCPYVSFHVPD
;
_entity_poly.pdbx_strand_id   A,B
#
# COMPACT_ATOMS: atom_id res chain seq x y z
N PRO A 1 -25.69 10.24 30.05
CA PRO A 1 -24.74 9.20 30.45
C PRO A 1 -23.32 9.41 29.90
N VAL A 2 -22.34 9.00 30.70
CA VAL A 2 -20.93 9.09 30.33
C VAL A 2 -20.55 7.94 29.40
N ASN A 3 -19.72 8.26 28.40
CA ASN A 3 -19.28 7.26 27.42
C ASN A 3 -18.45 6.18 28.07
N PRO A 4 -18.93 4.92 27.98
CA PRO A 4 -18.33 3.73 28.57
C PRO A 4 -16.90 3.49 28.09
N CYS A 5 -16.64 3.78 26.81
CA CYS A 5 -15.30 3.63 26.23
C CYS A 5 -14.22 4.39 26.99
N CYS A 6 -14.64 5.42 27.73
CA CYS A 6 -13.78 6.22 28.57
C CYS A 6 -12.99 5.38 29.60
N TYR A 7 -13.40 4.14 29.81
CA TYR A 7 -12.76 3.30 30.82
C TYR A 7 -11.69 2.37 30.27
N TYR A 8 -11.55 2.33 28.95
CA TYR A 8 -10.71 1.34 28.27
C TYR A 8 -10.94 -0.05 28.85
N PRO A 9 -12.22 -0.47 28.87
CA PRO A 9 -12.68 -1.63 29.62
C PRO A 9 -12.16 -2.87 28.96
N CYS A 10 -11.65 -2.70 27.75
CA CYS A 10 -11.30 -3.83 26.90
C CYS A 10 -9.84 -4.09 26.68
N GLN A 11 -9.46 -5.30 27.07
CA GLN A 11 -8.09 -5.71 27.25
C GLN A 11 -7.56 -6.41 26.02
N HIS A 12 -6.25 -6.36 25.83
CA HIS A 12 -5.59 -7.19 24.84
C HIS A 12 -6.20 -7.00 23.47
N GLN A 13 -6.23 -5.75 23.01
CA GLN A 13 -6.56 -5.40 21.62
C GLN A 13 -8.02 -5.63 21.19
N GLY A 14 -8.93 -5.78 22.16
CA GLY A 14 -10.35 -5.78 21.84
C GLY A 14 -10.78 -4.38 21.40
N ILE A 15 -11.92 -4.28 20.73
CA ILE A 15 -12.41 -2.96 20.29
C ILE A 15 -13.69 -2.50 21.04
N CYS A 16 -13.57 -1.42 21.81
CA CYS A 16 -14.72 -0.81 22.54
C CYS A 16 -15.67 -0.19 21.53
N VAL A 17 -16.88 -0.74 21.43
CA VAL A 17 -17.85 -0.14 20.51
C VAL A 17 -19.14 0.21 21.20
N ARG A 18 -19.46 1.51 21.12
CA ARG A 18 -20.62 2.11 21.73
C ARG A 18 -21.86 1.60 21.03
N PHE A 19 -22.79 1.07 21.82
CA PHE A 19 -24.08 0.59 21.31
C PHE A 19 -25.25 1.23 22.05
N GLY A 20 -26.34 1.48 21.33
CA GLY A 20 -27.51 2.11 21.93
C GLY A 20 -27.09 3.41 22.59
N LEU A 21 -27.82 3.83 23.63
CA LEU A 21 -27.62 5.14 24.29
C LEU A 21 -26.49 5.16 25.31
N ASP A 22 -26.32 4.06 26.04
CA ASP A 22 -25.50 4.06 27.24
C ASP A 22 -24.67 2.79 27.44
N ARG A 23 -24.84 1.82 26.53
CA ARG A 23 -24.17 0.52 26.63
C ARG A 23 -22.85 0.54 25.87
N TYR A 24 -22.19 -0.62 25.85
CA TYR A 24 -21.06 -0.84 24.96
C TYR A 24 -20.79 -2.32 24.92
N GLN A 25 -20.02 -2.72 23.91
CA GLN A 25 -19.46 -4.07 23.86
C GLN A 25 -18.07 -4.10 23.22
N CYS A 26 -17.48 -5.29 23.23
CA CYS A 26 -16.15 -5.46 22.73
C CYS A 26 -16.07 -6.54 21.71
N ASP A 27 -15.39 -6.22 20.62
CA ASP A 27 -15.18 -7.15 19.54
C ASP A 27 -13.83 -7.78 19.73
N CYS A 28 -13.83 -8.93 20.38
CA CYS A 28 -12.57 -9.55 20.76
C CYS A 28 -12.11 -10.61 19.79
N THR A 29 -12.58 -10.47 18.57
CA THR A 29 -12.15 -11.29 17.45
C THR A 29 -10.62 -11.37 17.39
N ARG A 30 -10.13 -12.62 17.27
CA ARG A 30 -8.72 -13.00 17.03
C ARG A 30 -7.71 -12.46 18.06
N THR A 31 -8.25 -12.06 19.20
CA THR A 31 -7.45 -11.54 20.28
C THR A 31 -6.79 -12.71 21.02
N GLY A 32 -7.54 -13.81 21.13
CA GLY A 32 -7.18 -14.91 21.99
C GLY A 32 -7.91 -14.86 23.32
N TYR A 33 -8.87 -13.95 23.44
CA TYR A 33 -9.67 -13.80 24.66
C TYR A 33 -11.17 -13.71 24.33
N SER A 34 -11.98 -14.28 25.21
CA SER A 34 -13.44 -14.26 25.10
C SER A 34 -13.99 -13.54 26.33
N GLY A 35 -15.29 -13.27 26.35
CA GLY A 35 -15.90 -12.52 27.45
C GLY A 35 -16.18 -11.06 27.11
N PRO A 36 -17.15 -10.45 27.82
CA PRO A 36 -17.57 -9.07 27.60
C PRO A 36 -16.39 -8.08 27.58
N ASN A 37 -15.49 -8.19 28.56
CA ASN A 37 -14.27 -7.35 28.61
C ASN A 37 -13.05 -7.96 27.91
N CYS A 38 -13.03 -9.27 27.80
CA CYS A 38 -11.96 -10.04 27.13
C CYS A 38 -10.73 -10.32 27.99
N THR A 39 -10.97 -11.12 29.03
CA THR A 39 -10.00 -11.46 30.02
C THR A 39 -10.15 -12.94 30.31
N ILE A 40 -10.80 -13.65 29.40
CA ILE A 40 -11.05 -15.10 29.54
C ILE A 40 -10.29 -15.88 28.45
N PRO A 41 -9.05 -16.34 28.76
CA PRO A 41 -8.13 -16.90 27.76
C PRO A 41 -8.57 -18.19 27.05
N GLU A 42 -8.27 -18.28 25.76
CA GLU A 42 -8.40 -19.52 25.01
C GLU A 42 -7.31 -20.44 25.54
N ILE A 43 -7.46 -21.73 25.37
CA ILE A 43 -6.47 -22.71 25.84
C ILE A 43 -5.03 -22.28 25.46
N TRP A 44 -4.86 -21.94 24.18
CA TRP A 44 -3.57 -21.57 23.62
C TRP A 44 -2.92 -20.31 24.21
N THR A 45 -3.73 -19.27 24.43
CA THR A 45 -3.24 -18.02 25.02
C THR A 45 -2.68 -18.23 26.42
N TRP A 46 -3.47 -18.89 27.27
CA TRP A 46 -3.07 -19.24 28.63
C TRP A 46 -1.68 -19.90 28.66
N LEU A 47 -1.55 -21.01 27.97
CA LEU A 47 -0.28 -21.71 27.91
C LEU A 47 0.79 -20.74 27.48
N ARG A 48 0.48 -20.01 26.42
CA ARG A 48 1.39 -19.04 25.86
C ARG A 48 1.72 -17.94 26.88
N THR A 49 0.80 -17.66 27.81
CA THR A 49 0.97 -16.56 28.79
C THR A 49 1.53 -16.98 30.15
N THR A 50 1.29 -18.22 30.56
CA THR A 50 1.88 -18.72 31.80
C THR A 50 3.36 -19.07 31.56
N LEU A 51 3.72 -19.26 30.29
CA LEU A 51 5.08 -19.65 29.93
C LEU A 51 5.93 -18.56 29.28
N ARG A 52 5.35 -17.41 28.96
CA ARG A 52 6.14 -16.30 28.42
C ARG A 52 6.89 -15.52 29.52
N PRO A 53 8.24 -15.43 29.39
CA PRO A 53 9.09 -14.64 30.29
C PRO A 53 8.93 -13.14 30.06
N SER A 54 9.30 -12.33 31.06
CA SER A 54 9.16 -10.87 30.99
C SER A 54 10.20 -10.21 30.06
N PRO A 55 9.91 -8.98 29.61
CA PRO A 55 10.89 -8.18 28.85
C PRO A 55 12.20 -8.00 29.61
N SER A 56 12.12 -7.71 30.91
CA SER A 56 13.29 -7.64 31.78
C SER A 56 14.23 -8.82 31.51
N PHE A 57 13.61 -10.00 31.48
CA PHE A 57 14.30 -11.27 31.35
C PHE A 57 14.91 -11.48 29.96
N ILE A 58 14.19 -11.09 28.92
CA ILE A 58 14.73 -11.23 27.58
C ILE A 58 15.84 -10.21 27.38
N HIS A 59 15.61 -8.97 27.84
CA HIS A 59 16.65 -7.94 27.75
C HIS A 59 17.92 -8.44 28.42
N PHE A 60 17.75 -9.07 29.57
CA PHE A 60 18.84 -9.69 30.31
C PHE A 60 19.49 -10.84 29.52
N LEU A 61 18.65 -11.60 28.83
CA LEU A 61 19.09 -12.75 28.06
C LEU A 61 20.00 -12.32 26.92
N LEU A 62 19.67 -11.21 26.25
CA LEU A 62 20.48 -10.72 25.13
C LEU A 62 21.63 -9.85 25.59
N THR A 63 21.50 -9.22 26.75
CA THR A 63 22.53 -8.29 27.22
C THR A 63 23.58 -8.96 28.09
N HIS A 64 23.32 -10.19 28.52
CA HIS A 64 24.27 -10.88 29.39
C HIS A 64 24.73 -12.21 28.83
N GLY A 65 25.80 -12.73 29.42
CA GLY A 65 26.48 -13.89 28.86
C GLY A 65 26.98 -13.53 27.47
N ARG A 66 28.10 -14.13 27.06
CA ARG A 66 28.72 -13.79 25.79
C ARG A 66 29.25 -15.05 25.17
N TRP A 67 29.83 -15.89 26.01
CA TRP A 67 30.26 -17.20 25.59
C TRP A 67 29.13 -17.85 24.77
N LEU A 68 27.97 -18.06 25.39
CA LEU A 68 26.76 -18.56 24.71
C LEU A 68 26.45 -17.79 23.43
N TRP A 69 26.57 -16.47 23.46
CA TRP A 69 26.13 -15.65 22.34
C TRP A 69 27.09 -15.66 21.15
N ASP A 70 28.40 -15.63 21.42
CA ASP A 70 29.36 -15.70 20.33
C ASP A 70 29.38 -17.11 19.68
N PHE A 71 29.03 -18.12 20.49
CA PHE A 71 28.59 -19.42 19.98
C PHE A 71 27.32 -19.28 19.10
N VAL A 72 26.23 -18.74 19.65
CA VAL A 72 24.96 -18.64 18.91
C VAL A 72 25.18 -17.94 17.57
N ASN A 73 25.90 -16.81 17.59
CA ASN A 73 26.21 -16.02 16.38
C ASN A 73 26.89 -16.80 15.23
N ALA A 74 27.52 -17.92 15.58
CA ALA A 74 28.20 -18.79 14.58
C ALA A 74 27.36 -20.00 14.10
N THR A 75 26.07 -19.99 14.41
CA THR A 75 25.16 -21.09 14.01
C THR A 75 23.94 -20.57 13.27
N PHE A 76 23.02 -21.49 12.98
CA PHE A 76 21.76 -21.20 12.30
C PHE A 76 20.79 -20.48 13.23
N ILE A 77 21.08 -20.60 14.53
CA ILE A 77 20.29 -20.01 15.60
C ILE A 77 20.24 -18.48 15.54
N ARG A 78 21.32 -17.84 15.13
CA ARG A 78 21.29 -16.41 14.84
C ARG A 78 20.06 -16.12 13.98
N ASP A 79 19.97 -16.77 12.82
CA ASP A 79 18.83 -16.62 11.91
C ASP A 79 17.54 -17.02 12.59
N THR A 80 17.55 -18.10 13.36
CA THR A 80 16.33 -18.56 14.00
C THR A 80 15.72 -17.47 14.86
N LEU A 81 16.55 -16.93 15.75
CA LEU A 81 16.14 -15.94 16.71
C LEU A 81 15.92 -14.58 16.06
N MET A 82 16.87 -14.14 15.24
CA MET A 82 16.64 -12.92 14.47
C MET A 82 15.19 -12.96 13.99
N ARG A 83 14.77 -14.00 13.26
CA ARG A 83 13.36 -14.14 12.82
C ARG A 83 12.32 -14.01 13.95
N LEU A 84 12.61 -14.64 15.08
CA LEU A 84 11.69 -14.55 16.19
C LEU A 84 11.46 -13.09 16.53
N VAL A 85 12.55 -12.34 16.75
CA VAL A 85 12.46 -10.92 17.05
C VAL A 85 11.62 -10.14 16.04
N LEU A 86 11.89 -10.29 14.75
CA LEU A 86 11.16 -9.55 13.73
C LEU A 86 9.69 -9.83 13.87
N THR A 87 9.32 -11.10 13.78
CA THR A 87 7.92 -11.50 13.74
C THR A 87 7.29 -11.07 15.04
N VAL A 88 7.89 -11.46 16.18
CA VAL A 88 7.45 -10.99 17.49
C VAL A 88 7.17 -9.49 17.51
N ARG A 89 8.18 -8.68 17.17
CA ARG A 89 8.05 -7.24 17.15
C ARG A 89 6.95 -6.76 16.21
N SER A 90 7.09 -7.02 14.91
CA SER A 90 6.23 -6.35 13.94
C SER A 90 4.80 -6.82 13.94
N ASN A 91 4.51 -7.95 14.54
CA ASN A 91 3.10 -8.36 14.63
C ASN A 91 2.21 -7.56 15.57
N LEU A 92 2.83 -6.74 16.42
CA LEU A 92 2.07 -5.87 17.31
C LEU A 92 1.50 -4.59 16.62
N ILE A 93 1.96 -4.30 15.39
CA ILE A 93 1.61 -3.10 14.65
C ILE A 93 0.61 -3.40 13.52
N PRO A 94 -0.59 -2.81 13.56
CA PRO A 94 -1.54 -3.26 12.55
C PRO A 94 -1.10 -2.92 11.13
N SER A 95 -1.52 -3.80 10.21
CA SER A 95 -1.18 -3.71 8.81
C SER A 95 -2.24 -4.53 8.09
N PRO A 96 -3.14 -3.88 7.35
CA PRO A 96 -3.34 -2.44 7.09
C PRO A 96 -3.47 -1.58 8.34
N PRO A 97 -3.09 -0.30 8.24
CA PRO A 97 -3.20 0.59 9.40
C PRO A 97 -4.66 0.73 9.81
N THR A 98 -4.87 1.18 11.04
CA THR A 98 -6.19 1.21 11.63
C THR A 98 -6.77 2.63 11.71
N TYR A 99 -6.48 3.35 12.78
CA TYR A 99 -7.05 4.70 12.97
C TYR A 99 -6.08 5.85 12.70
N ASN A 100 -6.65 7.07 12.59
CA ASN A 100 -5.88 8.33 12.41
C ASN A 100 -6.48 9.46 13.29
N ILE A 101 -5.95 10.68 13.16
CA ILE A 101 -6.42 11.81 13.99
C ILE A 101 -7.95 11.99 13.97
N ALA A 102 -8.54 11.68 12.81
CA ALA A 102 -9.93 12.03 12.52
C ALA A 102 -10.90 10.90 12.85
N HIS A 103 -10.46 9.67 12.61
CA HIS A 103 -11.28 8.49 12.84
C HIS A 103 -10.73 7.57 13.94
N ASP A 104 -11.57 7.34 14.96
CA ASP A 104 -11.29 6.37 16.02
C ASP A 104 -11.84 4.94 15.72
N TYR A 105 -11.71 4.55 14.45
CA TYR A 105 -12.27 3.29 13.94
C TYR A 105 -11.69 3.10 12.55
N ILE A 106 -11.77 1.87 12.04
CA ILE A 106 -11.31 1.59 10.69
C ILE A 106 -12.28 2.19 9.71
N SER A 107 -11.74 2.80 8.65
CA SER A 107 -12.55 3.38 7.59
C SER A 107 -11.75 3.35 6.31
N TRP A 108 -12.42 3.58 5.18
CA TRP A 108 -11.74 3.66 3.89
C TRP A 108 -10.83 4.90 3.75
N GLU A 109 -11.29 6.02 4.30
CA GLU A 109 -10.52 7.24 4.21
C GLU A 109 -9.24 7.02 5.01
N SER A 110 -9.36 6.24 6.08
CA SER A 110 -8.19 5.98 6.91
C SER A 110 -7.24 4.97 6.24
N PHE A 111 -7.78 4.05 5.45
CA PHE A 111 -6.92 3.18 4.68
C PHE A 111 -6.26 4.04 3.64
N SER A 112 -7.07 4.80 2.91
CA SER A 112 -6.64 5.48 1.68
C SER A 112 -5.78 6.77 1.76
N ASN A 113 -6.00 7.63 2.75
CA ASN A 113 -5.42 8.98 2.74
C ASN A 113 -4.06 9.05 3.40
N VAL A 114 -3.00 8.80 2.64
CA VAL A 114 -1.68 8.72 3.31
C VAL A 114 -1.15 9.99 3.99
N SER A 115 -1.78 11.14 3.77
CA SER A 115 -1.40 12.40 4.43
C SER A 115 -1.64 12.44 5.93
N TYR A 116 -2.28 11.39 6.46
CA TYR A 116 -2.43 11.19 7.90
C TYR A 116 -1.32 10.27 8.46
N TYR A 117 -0.84 10.62 9.66
CA TYR A 117 -0.22 9.67 10.53
C TYR A 117 -1.31 8.69 11.02
N THR A 118 -1.01 7.40 11.09
CA THR A 118 -1.97 6.44 11.66
C THR A 118 -1.77 6.47 13.16
N ARG A 119 -2.49 5.62 13.89
CA ARG A 119 -2.31 5.58 15.35
C ARG A 119 -2.70 4.23 15.87
N ILE A 120 -1.90 3.69 16.79
CA ILE A 120 -2.16 2.34 17.29
C ILE A 120 -3.28 2.37 18.28
N LEU A 121 -3.21 3.28 19.24
CA LEU A 121 -4.32 3.42 20.14
C LEU A 121 -5.21 4.55 19.65
N PRO A 122 -6.54 4.38 19.79
CA PRO A 122 -7.48 5.41 19.41
C PRO A 122 -7.27 6.61 20.31
N SER A 123 -7.82 7.77 19.96
CA SER A 123 -7.75 8.93 20.85
C SER A 123 -8.72 8.78 22.02
N VAL A 124 -8.34 9.33 23.18
CA VAL A 124 -9.21 9.43 24.35
C VAL A 124 -10.48 10.17 23.91
N PRO A 125 -11.66 9.49 23.94
CA PRO A 125 -12.91 10.04 23.39
C PRO A 125 -13.25 11.46 23.86
N ARG A 126 -13.82 12.27 22.96
CA ARG A 126 -14.13 13.70 23.27
C ARG A 126 -15.23 13.98 24.33
N ASP A 127 -15.93 12.96 24.78
CA ASP A 127 -17.00 13.12 25.80
C ASP A 127 -16.61 12.58 27.18
N CYS A 128 -15.31 12.58 27.49
CA CYS A 128 -14.83 11.94 28.71
C CYS A 128 -14.64 12.93 29.88
N PRO A 129 -14.72 12.41 31.14
CA PRO A 129 -14.59 13.22 32.36
C PRO A 129 -13.21 13.88 32.53
N THR A 130 -12.14 13.10 32.41
CA THR A 130 -10.81 13.69 32.49
C THR A 130 -10.11 13.67 31.13
N PRO A 131 -9.16 14.58 30.91
CA PRO A 131 -8.56 14.66 29.57
C PRO A 131 -7.82 13.38 29.11
N MET A 132 -7.54 12.47 30.05
CA MET A 132 -6.81 11.22 29.80
C MET A 132 -7.66 9.95 29.95
N GLY A 133 -8.98 10.11 30.15
CA GLY A 133 -9.88 8.99 30.39
C GLY A 133 -10.83 9.25 31.54
N THR A 134 -10.66 8.51 32.64
CA THR A 134 -11.46 8.79 33.86
C THR A 134 -10.58 9.10 35.06
N LYS A 135 -9.45 8.43 35.12
CA LYS A 135 -8.49 8.61 36.19
C LYS A 135 -7.80 9.98 36.05
N GLY A 136 -7.45 10.58 37.19
CA GLY A 136 -6.64 11.81 37.19
C GLY A 136 -7.37 13.10 37.54
N LYS A 137 -6.70 14.21 37.24
CA LYS A 137 -7.22 15.54 37.58
C LYS A 137 -7.75 16.31 36.38
N LYS A 138 -8.58 17.31 36.66
CA LYS A 138 -9.29 18.09 35.64
C LYS A 138 -8.34 18.66 34.61
N GLN A 139 -7.20 19.13 35.11
CA GLN A 139 -6.18 19.73 34.26
C GLN A 139 -4.94 18.85 34.28
N LEU A 140 -4.45 18.54 33.10
CA LEU A 140 -3.15 17.94 33.00
C LEU A 140 -2.12 18.95 33.48
N PRO A 141 -0.95 18.47 33.93
CA PRO A 141 0.04 19.41 34.43
C PRO A 141 0.53 20.39 33.34
N ASP A 142 0.77 21.63 33.74
CA ASP A 142 1.44 22.59 32.87
C ASP A 142 2.67 21.97 32.20
N ALA A 143 2.66 22.00 30.86
CA ALA A 143 3.65 21.33 30.02
C ALA A 143 5.08 21.84 30.20
N GLU A 144 5.24 23.18 30.18
CA GLU A 144 6.51 23.86 30.46
C GLU A 144 7.03 23.56 31.87
N PHE A 145 6.10 23.42 32.83
CA PHE A 145 6.46 23.10 34.21
C PHE A 145 6.95 21.66 34.30
N LEU A 146 6.26 20.77 33.59
CA LEU A 146 6.60 19.38 33.57
C LEU A 146 8.00 19.24 32.97
N SER A 147 8.28 20.07 31.97
CA SER A 147 9.55 20.03 31.28
C SER A 147 10.63 20.49 32.20
N ARG A 148 10.44 21.69 32.74
CA ARG A 148 11.51 22.40 33.46
C ARG A 148 11.89 21.68 34.74
N ARG A 149 10.92 21.02 35.37
CA ARG A 149 11.17 20.35 36.64
C ARG A 149 11.75 18.95 36.46
N PHE A 150 11.42 18.30 35.33
CA PHE A 150 11.73 16.87 35.08
C PHE A 150 12.64 16.55 33.90
N LEU A 151 12.61 17.37 32.86
CA LEU A 151 13.41 17.11 31.67
C LEU A 151 14.55 18.09 31.44
N LEU A 152 14.51 19.26 32.09
CA LEU A 152 15.60 20.20 31.91
C LEU A 152 16.90 19.57 32.36
N ARG A 153 17.88 19.59 31.47
CA ARG A 153 19.21 19.10 31.76
C ARG A 153 19.81 20.06 32.73
N ARG A 154 20.14 19.57 33.92
CA ARG A 154 20.95 20.32 34.88
C ARG A 154 22.41 20.06 34.49
N LYS A 155 22.94 18.91 34.91
CA LYS A 155 24.24 18.45 34.42
C LYS A 155 24.08 17.49 33.24
N PHE A 156 25.02 17.51 32.31
CA PHE A 156 25.06 16.56 31.20
C PHE A 156 25.28 15.11 31.70
N ILE A 157 24.36 14.23 31.29
CA ILE A 157 24.40 12.81 31.65
C ILE A 157 24.75 12.05 30.40
N PRO A 158 25.99 11.58 30.30
CA PRO A 158 26.32 10.98 29.02
C PRO A 158 25.67 9.62 28.92
N ASP A 159 25.43 9.17 27.69
CA ASP A 159 24.90 7.86 27.44
C ASP A 159 25.84 6.76 27.94
N PRO A 160 25.33 5.87 28.82
CA PRO A 160 26.18 4.85 29.42
C PRO A 160 26.71 3.87 28.36
N GLN A 161 26.03 3.81 27.21
CA GLN A 161 26.34 2.86 26.15
C GLN A 161 27.35 3.39 25.13
N GLY A 162 27.86 4.58 25.37
CA GLY A 162 28.90 5.15 24.52
C GLY A 162 28.43 5.88 23.27
N THR A 163 27.12 6.03 23.12
CA THR A 163 26.56 6.65 21.92
C THR A 163 27.25 7.99 21.67
N ASN A 164 27.44 8.30 20.39
CA ASN A 164 28.12 9.52 20.02
C ASN A 164 27.18 10.44 19.29
N LEU A 165 27.67 11.60 18.90
CA LEU A 165 26.87 12.53 18.14
C LEU A 165 26.65 11.96 16.75
N MET A 166 27.63 11.21 16.24
CA MET A 166 27.54 10.64 14.89
C MET A 166 26.29 9.79 14.73
N PHE A 167 25.96 9.04 15.78
CA PHE A 167 24.68 8.35 15.89
C PHE A 167 23.50 9.34 15.98
N ALA A 168 23.56 10.22 16.98
CA ALA A 168 22.53 11.26 17.14
C ALA A 168 22.11 11.85 15.82
N PHE A 169 23.07 12.44 15.11
CA PHE A 169 22.77 13.11 13.85
C PHE A 169 22.28 12.13 12.80
N PHE A 170 22.74 10.88 12.89
CA PHE A 170 22.23 9.85 12.03
C PHE A 170 20.74 9.69 12.34
N ALA A 171 20.40 9.44 13.62
CA ALA A 171 19.00 9.27 14.07
C ALA A 171 18.12 10.38 13.51
N GLN A 172 18.47 11.64 13.80
CA GLN A 172 17.71 12.79 13.25
C GLN A 172 17.57 12.71 11.73
N HIS A 173 18.71 12.64 11.04
CA HIS A 173 18.73 12.61 9.56
C HIS A 173 17.73 11.57 9.07
N PHE A 174 18.02 10.34 9.44
CA PHE A 174 17.25 9.18 9.05
C PHE A 174 15.74 9.36 9.36
N THR A 175 15.41 9.65 10.61
CA THR A 175 14.01 9.74 11.04
C THR A 175 13.28 10.88 10.39
N HIS A 176 14.02 11.85 9.86
CA HIS A 176 13.37 13.01 9.25
C HIS A 176 12.92 12.84 7.81
N GLN A 177 12.94 11.61 7.30
CA GLN A 177 12.35 11.34 5.97
C GLN A 177 10.93 10.84 6.14
N PHE A 178 10.57 10.46 7.39
CA PHE A 178 9.22 9.94 7.63
C PHE A 178 8.44 10.64 8.72
N PHE A 179 9.08 11.54 9.43
CA PHE A 179 8.34 12.51 10.23
C PHE A 179 8.50 13.89 9.61
N LYS A 180 7.52 14.29 8.81
CA LYS A 180 7.45 15.65 8.30
C LYS A 180 6.03 16.09 8.59
N THR A 181 5.82 16.54 9.82
CA THR A 181 4.50 16.93 10.23
C THR A 181 4.18 18.23 9.53
N SER A 182 2.92 18.42 9.16
CA SER A 182 2.44 19.71 8.64
C SER A 182 2.44 20.91 9.61
N GLY A 183 3.07 21.99 9.19
CA GLY A 183 2.85 23.27 9.87
C GLY A 183 1.51 23.83 9.43
N LYS A 184 1.02 23.31 8.32
CA LYS A 184 -0.13 23.87 7.60
C LYS A 184 -1.45 23.14 7.93
N MET A 185 -1.49 21.86 7.55
CA MET A 185 -2.64 21.00 7.85
C MET A 185 -2.81 20.83 9.37
N GLY A 186 -1.71 20.77 10.11
CA GLY A 186 -1.75 20.82 11.57
C GLY A 186 -1.21 19.59 12.24
N PRO A 187 -1.58 19.37 13.52
CA PRO A 187 -1.06 18.18 14.20
C PRO A 187 -1.68 16.92 13.62
N GLY A 188 -0.87 15.87 13.45
CA GLY A 188 -1.35 14.57 12.99
C GLY A 188 -1.48 14.38 11.49
N PHE A 189 -0.84 15.26 10.71
CA PHE A 189 -0.79 15.10 9.24
C PHE A 189 0.64 15.14 8.77
N THR A 190 0.94 14.45 7.67
CA THR A 190 2.33 14.31 7.23
C THR A 190 2.54 14.82 5.81
N LYS A 191 3.68 15.45 5.58
CA LYS A 191 4.16 15.84 4.24
C LYS A 191 4.94 14.69 3.55
N ALA A 192 5.45 13.76 4.37
CA ALA A 192 6.35 12.67 3.93
C ALA A 192 5.58 11.36 3.65
N LEU A 193 5.20 11.18 2.39
CA LEU A 193 4.13 10.27 2.00
C LEU A 193 4.63 8.84 1.80
N GLY A 194 5.94 8.70 1.70
CA GLY A 194 6.54 7.39 1.63
C GLY A 194 6.25 6.56 2.88
N HIS A 195 6.07 7.22 4.01
CA HIS A 195 5.77 6.50 5.24
C HIS A 195 6.81 5.42 5.41
N GLY A 196 8.09 5.81 5.42
CA GLY A 196 9.12 4.81 5.54
C GLY A 196 10.49 5.16 5.05
N VAL A 197 11.25 4.12 4.75
CA VAL A 197 12.62 4.30 4.31
C VAL A 197 12.62 4.37 2.79
N ASP A 198 12.31 5.58 2.29
CA ASP A 198 12.21 5.85 0.87
C ASP A 198 13.23 6.90 0.43
N LEU A 199 13.97 7.44 1.40
CA LEU A 199 15.00 8.45 1.15
C LEU A 199 14.49 9.79 0.60
N GLY A 200 13.20 10.05 0.80
CA GLY A 200 12.66 11.37 0.57
C GLY A 200 13.60 12.46 1.07
N HIS A 201 14.16 12.31 2.26
CA HIS A 201 15.09 13.29 2.80
C HIS A 201 16.32 13.56 1.95
N ILE A 202 16.49 12.73 0.93
CA ILE A 202 17.62 12.87 0.05
C ILE A 202 17.11 13.34 -1.30
N TYR A 203 16.02 12.75 -1.78
CA TYR A 203 15.48 13.02 -3.13
C TYR A 203 14.26 13.95 -3.15
N GLY A 204 13.92 14.51 -1.98
CA GLY A 204 12.70 15.27 -1.80
C GLY A 204 11.50 14.36 -1.82
N ASP A 205 10.48 14.76 -1.06
CA ASP A 205 9.24 14.02 -0.87
C ASP A 205 8.24 14.23 -2.00
N ASN A 206 8.64 14.95 -3.06
CA ASN A 206 7.76 15.19 -4.22
C ASN A 206 8.57 15.15 -5.52
N LEU A 207 7.87 14.80 -6.62
CA LEU A 207 8.49 14.63 -7.96
C LEU A 207 9.08 15.95 -8.48
N GLU A 208 8.36 17.07 -8.26
CA GLU A 208 8.86 18.38 -8.69
C GLU A 208 10.29 18.56 -8.20
N ARG A 209 10.46 18.35 -6.89
CA ARG A 209 11.67 18.69 -6.14
C ARG A 209 12.79 17.80 -6.58
N GLN A 210 12.45 16.53 -6.77
CA GLN A 210 13.39 15.50 -7.17
C GLN A 210 14.01 15.86 -8.51
N TYR A 211 13.16 16.27 -9.44
CA TYR A 211 13.62 16.67 -10.75
C TYR A 211 14.59 17.83 -10.64
N GLN A 212 14.21 18.86 -9.87
CA GLN A 212 15.05 20.04 -9.66
C GLN A 212 16.43 19.73 -9.05
N LEU A 213 16.47 18.70 -8.18
CA LEU A 213 17.74 18.20 -7.58
C LEU A 213 18.56 17.30 -8.49
N ARG A 214 17.91 16.74 -9.51
CA ARG A 214 18.56 15.82 -10.45
C ARG A 214 19.28 16.56 -11.55
N LEU A 215 20.50 16.11 -11.82
CA LEU A 215 21.28 16.60 -12.95
C LEU A 215 20.73 16.09 -14.28
N PHE A 216 19.83 15.13 -14.24
CA PHE A 216 19.30 14.47 -15.44
C PHE A 216 20.35 13.99 -16.43
N LYS A 217 21.55 13.74 -15.94
CA LYS A 217 22.57 13.06 -16.73
C LYS A 217 23.20 11.97 -15.86
N ASP A 218 23.49 10.82 -16.48
CA ASP A 218 24.08 9.66 -15.78
C ASP A 218 23.31 9.19 -14.54
N GLY A 219 22.17 9.81 -14.22
CA GLY A 219 21.34 9.40 -13.08
C GLY A 219 21.77 10.04 -11.76
N LYS A 220 22.47 11.18 -11.86
CA LYS A 220 23.14 11.77 -10.73
C LYS A 220 22.29 12.88 -10.16
N LEU A 221 22.56 13.26 -8.92
CA LEU A 221 22.02 14.51 -8.37
C LEU A 221 23.04 15.65 -8.56
N LYS A 222 22.58 16.89 -8.63
CA LYS A 222 23.47 18.05 -8.81
C LYS A 222 24.43 18.21 -7.64
N TYR A 223 25.57 18.83 -7.89
CA TYR A 223 26.58 19.05 -6.83
C TYR A 223 27.47 20.25 -7.18
N GLN A 224 28.26 20.71 -6.21
CA GLN A 224 29.21 21.81 -6.43
C GLN A 224 30.58 21.52 -5.83
N MET A 225 31.61 22.11 -6.42
CA MET A 225 32.94 21.92 -5.91
C MET A 225 33.30 23.09 -5.02
N LEU A 226 33.59 22.78 -3.77
CA LEU A 226 34.08 23.77 -2.82
C LEU A 226 35.30 23.19 -2.18
N ASN A 227 36.46 23.76 -2.51
CA ASN A 227 37.76 23.31 -2.01
C ASN A 227 38.14 21.91 -2.52
N GLY A 228 37.66 21.57 -3.72
CA GLY A 228 37.90 20.26 -4.31
C GLY A 228 36.96 19.16 -3.83
N GLU A 229 35.95 19.53 -3.05
CA GLU A 229 35.03 18.57 -2.45
C GLU A 229 33.59 18.66 -2.97
N VAL A 230 32.94 17.50 -3.09
CA VAL A 230 31.58 17.43 -3.60
C VAL A 230 30.59 17.69 -2.47
N TYR A 231 29.91 18.83 -2.55
CA TYR A 231 28.86 19.20 -1.61
C TYR A 231 27.55 19.37 -2.38
N PRO A 232 26.38 19.43 -1.70
CA PRO A 232 25.11 19.56 -2.45
C PRO A 232 25.06 20.87 -3.22
N PRO A 233 24.21 20.95 -4.26
CA PRO A 233 24.24 22.12 -5.13
C PRO A 233 23.81 23.37 -4.39
N SER A 234 23.98 24.53 -5.03
CA SER A 234 23.42 25.78 -4.52
C SER A 234 21.96 25.87 -4.98
N VAL A 235 21.19 26.70 -4.28
CA VAL A 235 19.78 26.91 -4.58
C VAL A 235 19.53 27.58 -5.94
N GLU A 236 20.47 28.43 -6.38
CA GLU A 236 20.45 29.01 -7.73
C GLU A 236 20.53 27.92 -8.80
N GLU A 237 21.41 26.93 -8.59
CA GLU A 237 21.59 25.80 -9.51
C GLU A 237 20.44 24.80 -9.43
N ALA A 238 19.93 24.56 -8.22
CA ALA A 238 18.76 23.68 -7.97
C ALA A 238 17.69 24.42 -7.16
N PRO A 239 16.84 25.20 -7.85
CA PRO A 239 15.98 26.15 -7.17
C PRO A 239 14.78 25.51 -6.48
N VAL A 240 15.03 24.89 -5.33
CA VAL A 240 13.99 24.26 -4.51
C VAL A 240 13.80 24.98 -3.17
N LEU A 241 12.65 24.71 -2.53
CA LEU A 241 12.34 25.26 -1.21
C LEU A 241 13.26 24.68 -0.10
N MET A 242 13.94 25.58 0.61
CA MET A 242 14.82 25.24 1.74
C MET A 242 14.61 26.28 2.82
N HIS A 243 14.50 25.85 4.07
CA HIS A 243 14.30 26.79 5.18
C HIS A 243 15.65 27.34 5.64
N TYR A 244 15.83 28.63 5.43
CA TYR A 244 17.06 29.27 5.81
C TYR A 244 16.75 30.63 6.41
N PRO A 245 17.65 31.15 7.28
CA PRO A 245 17.44 32.50 7.77
C PRO A 245 17.42 33.46 6.60
N ARG A 246 16.28 34.11 6.44
CA ARG A 246 16.10 35.24 5.52
C ARG A 246 17.29 36.19 5.64
N GLY A 247 17.89 36.55 4.52
CA GLY A 247 19.04 37.47 4.51
C GLY A 247 20.34 36.80 4.14
N ILE A 248 20.39 35.50 4.45
CA ILE A 248 21.49 34.64 4.04
C ILE A 248 21.60 34.65 2.51
N PRO A 249 22.82 34.92 2.00
CA PRO A 249 23.10 34.95 0.56
C PRO A 249 22.72 33.64 -0.12
N PRO A 250 22.15 33.71 -1.32
CA PRO A 250 21.67 32.57 -2.09
C PRO A 250 22.75 31.55 -2.46
N GLN A 251 23.97 32.02 -2.69
CA GLN A 251 25.08 31.15 -3.02
C GLN A 251 25.47 30.26 -1.83
N SER A 252 25.13 30.74 -0.63
CA SER A 252 25.42 30.05 0.62
C SER A 252 24.25 29.20 1.10
N GLN A 253 23.26 28.99 0.24
CA GLN A 253 22.19 28.06 0.56
C GLN A 253 22.40 26.74 -0.19
N MET A 254 22.37 25.62 0.52
CA MET A 254 22.44 24.31 -0.11
C MET A 254 21.07 23.65 -0.19
N ALA A 255 20.80 22.99 -1.31
CA ALA A 255 19.51 22.37 -1.57
C ALA A 255 19.61 20.86 -1.42
N VAL A 256 18.70 20.29 -0.63
CA VAL A 256 18.67 18.85 -0.43
C VAL A 256 17.23 18.31 -0.37
N GLY A 257 17.07 17.00 -0.24
CA GLY A 257 15.75 16.39 -0.16
C GLY A 257 14.84 17.02 0.88
N GLN A 258 15.37 17.23 2.07
CA GLN A 258 14.54 17.61 3.20
C GLN A 258 14.79 19.08 3.50
N GLU A 259 13.71 19.85 3.70
CA GLU A 259 13.76 21.32 3.78
C GLU A 259 14.46 21.85 5.01
N VAL A 260 14.53 21.07 6.08
CA VAL A 260 15.11 21.64 7.28
C VAL A 260 16.63 21.44 7.31
N PHE A 261 17.08 20.42 6.59
CA PHE A 261 18.46 19.92 6.73
C PHE A 261 19.56 20.99 6.71
N GLY A 262 19.34 22.07 5.97
CA GLY A 262 20.33 23.12 5.85
C GLY A 262 20.60 23.91 7.12
N LEU A 263 19.71 23.79 8.10
CA LEU A 263 19.89 24.47 9.37
C LEU A 263 21.16 23.94 10.03
N LEU A 264 21.12 22.68 10.49
CA LEU A 264 22.20 22.08 11.27
C LEU A 264 23.29 21.41 10.44
N PRO A 265 24.56 21.73 10.73
CA PRO A 265 25.68 21.07 10.06
C PRO A 265 25.58 19.54 10.14
N GLY A 266 25.29 19.01 11.33
CA GLY A 266 24.94 17.60 11.47
C GLY A 266 24.12 17.08 10.29
N LEU A 267 23.00 17.71 10.01
CA LEU A 267 22.08 17.23 8.99
C LEU A 267 22.73 17.30 7.64
N MET A 268 23.20 18.50 7.32
CA MET A 268 23.78 18.76 6.01
C MET A 268 25.09 18.02 5.83
N LEU A 269 25.62 17.45 6.91
CA LEU A 269 26.73 16.48 6.82
C LEU A 269 26.30 15.16 6.19
N TYR A 270 25.16 14.60 6.61
CA TYR A 270 24.72 13.30 6.11
C TYR A 270 24.16 13.40 4.72
N ALA A 271 23.35 14.43 4.49
CA ALA A 271 22.84 14.82 3.17
C ALA A 271 23.98 14.82 2.16
N THR A 272 25.13 15.30 2.57
CA THR A 272 26.30 15.37 1.72
C THR A 272 26.91 14.01 1.49
N ILE A 273 27.11 13.28 2.59
CA ILE A 273 27.59 11.90 2.55
C ILE A 273 26.77 11.04 1.57
N TRP A 274 25.46 11.01 1.80
CA TRP A 274 24.54 10.23 0.97
C TRP A 274 24.51 10.62 -0.51
N LEU A 275 24.53 11.92 -0.78
CA LEU A 275 24.60 12.44 -2.12
C LEU A 275 25.81 11.86 -2.82
N ARG A 276 26.98 12.01 -2.20
CA ARG A 276 28.19 11.41 -2.74
C ARG A 276 28.06 9.93 -3.05
N GLU A 277 27.46 9.18 -2.12
CA GLU A 277 27.17 7.76 -2.33
C GLU A 277 26.31 7.58 -3.58
N HIS A 278 25.21 8.31 -3.65
CA HIS A 278 24.35 8.19 -4.81
C HIS A 278 25.09 8.28 -6.17
N ASN A 279 25.79 9.38 -6.38
CA ASN A 279 26.52 9.58 -7.61
C ASN A 279 27.58 8.49 -7.78
N ARG A 280 28.32 8.20 -6.72
CA ARG A 280 29.28 7.12 -6.72
C ARG A 280 28.67 5.81 -7.24
N VAL A 281 27.43 5.55 -6.83
CA VAL A 281 26.73 4.31 -7.19
C VAL A 281 26.35 4.28 -8.67
N CYS A 282 25.91 5.42 -9.17
CA CYS A 282 25.75 5.62 -10.61
C CYS A 282 27.02 5.31 -11.38
N ASP A 283 28.16 5.71 -10.85
CA ASP A 283 29.45 5.50 -11.53
C ASP A 283 29.83 4.03 -11.64
N LEU A 284 29.15 3.18 -10.87
CA LEU A 284 29.34 1.74 -10.94
C LEU A 284 28.29 1.12 -11.85
N LEU A 285 27.08 1.67 -11.80
CA LEU A 285 26.03 1.31 -12.72
C LEU A 285 26.40 1.54 -14.19
N LYS A 286 26.62 2.79 -14.60
CA LYS A 286 27.04 3.13 -15.99
C LYS A 286 28.15 2.22 -16.56
N ALA A 287 29.03 1.72 -15.69
CA ALA A 287 30.11 0.81 -16.12
C ALA A 287 29.54 -0.57 -16.47
N GLU A 288 28.51 -0.95 -15.74
CA GLU A 288 27.86 -2.25 -15.83
C GLU A 288 26.87 -2.17 -17.02
N HIS A 289 26.12 -1.07 -17.07
CA HIS A 289 25.06 -0.88 -18.08
C HIS A 289 25.16 0.43 -18.88
N PRO A 290 26.17 0.52 -19.74
CA PRO A 290 26.39 1.82 -20.40
C PRO A 290 25.22 2.19 -21.30
N THR A 291 24.42 1.19 -21.68
CA THR A 291 23.24 1.42 -22.51
C THR A 291 22.09 2.06 -21.74
N TRP A 292 22.13 1.96 -20.41
CA TRP A 292 21.08 2.53 -19.57
C TRP A 292 21.00 4.04 -19.62
N GLY A 293 19.78 4.57 -19.53
CA GLY A 293 19.52 6.00 -19.55
C GLY A 293 19.65 6.51 -18.13
N ASP A 294 19.70 7.84 -17.99
CA ASP A 294 19.81 8.52 -16.67
C ASP A 294 18.64 8.18 -15.72
N GLU A 295 17.44 7.99 -16.26
CA GLU A 295 16.28 7.67 -15.43
C GLU A 295 16.50 6.34 -14.73
N GLN A 296 16.91 5.32 -15.49
CA GLN A 296 17.12 4.01 -14.88
C GLN A 296 18.27 4.10 -13.89
N LEU A 297 19.44 4.51 -14.38
CA LEU A 297 20.57 4.84 -13.53
C LEU A 297 20.12 5.56 -12.27
N PHE A 298 19.20 6.51 -12.39
CA PHE A 298 18.72 7.20 -11.21
C PHE A 298 17.93 6.29 -10.29
N GLN A 299 16.91 5.64 -10.83
CA GLN A 299 15.98 4.87 -10.02
C GLN A 299 16.60 3.56 -9.44
N THR A 300 17.67 3.10 -10.06
CA THR A 300 18.35 1.90 -9.62
C THR A 300 19.30 2.22 -8.47
N ALA A 301 19.98 3.34 -8.58
CA ALA A 301 20.86 3.81 -7.52
C ALA A 301 20.00 4.13 -6.31
N ARG A 302 18.81 4.66 -6.53
CA ARG A 302 17.94 4.95 -5.41
C ARG A 302 17.68 3.68 -4.57
N LEU A 303 17.32 2.61 -5.27
CA LEU A 303 17.03 1.35 -4.59
C LEU A 303 18.25 0.84 -3.83
N ILE A 304 19.43 0.91 -4.45
CA ILE A 304 20.67 0.57 -3.75
C ILE A 304 20.86 1.41 -2.48
N LEU A 305 20.58 2.70 -2.57
CA LEU A 305 20.73 3.53 -1.39
C LEU A 305 19.68 3.24 -0.31
N ILE A 306 18.42 3.00 -0.71
CA ILE A 306 17.39 2.62 0.27
C ILE A 306 17.82 1.35 0.99
N GLY A 307 18.26 0.39 0.18
CA GLY A 307 18.77 -0.85 0.70
C GLY A 307 19.94 -0.66 1.64
N GLU A 308 20.93 0.11 1.21
CA GLU A 308 22.08 0.40 2.04
C GLU A 308 21.68 0.97 3.39
N THR A 309 20.68 1.84 3.41
CA THR A 309 20.24 2.45 4.65
C THR A 309 19.77 1.42 5.68
N ILE A 310 18.86 0.56 5.26
CA ILE A 310 18.26 -0.42 6.16
C ILE A 310 19.35 -1.36 6.70
N LYS A 311 20.22 -1.83 5.79
CA LYS A 311 21.38 -2.65 6.17
C LYS A 311 22.10 -2.02 7.35
N ILE A 312 22.47 -0.75 7.22
CA ILE A 312 23.20 -0.03 8.26
C ILE A 312 22.33 0.21 9.49
N VAL A 313 21.04 0.47 9.25
CA VAL A 313 20.19 0.87 10.35
C VAL A 313 20.04 -0.33 11.25
N ILE A 314 19.73 -1.47 10.64
CA ILE A 314 19.53 -2.70 11.41
C ILE A 314 20.80 -3.26 11.95
N GLU A 315 21.82 -3.32 11.12
CA GLU A 315 23.00 -4.01 11.58
C GLU A 315 23.95 -3.17 12.40
N GLU A 316 23.80 -1.84 12.37
CA GLU A 316 24.71 -0.95 13.12
C GLU A 316 24.06 0.01 14.10
N TYR A 317 23.03 0.70 13.61
CA TYR A 317 22.24 1.63 14.40
C TYR A 317 21.51 0.82 15.48
N VAL A 318 20.49 0.08 15.09
CA VAL A 318 19.65 -0.64 16.05
C VAL A 318 20.47 -1.58 16.94
N GLN A 319 21.58 -2.08 16.40
CA GLN A 319 22.54 -2.90 17.15
C GLN A 319 23.15 -2.06 18.29
N GLN A 320 23.59 -0.84 17.99
CA GLN A 320 24.19 0.01 19.02
C GLN A 320 23.18 0.33 20.12
N LEU A 321 21.94 0.57 19.72
CA LEU A 321 20.87 0.91 20.62
C LEU A 321 20.64 -0.24 21.58
N SER A 322 20.62 -1.46 21.03
CA SER A 322 20.22 -2.64 21.75
C SER A 322 21.21 -3.10 22.85
N GLY A 323 22.50 -2.97 22.56
CA GLY A 323 23.54 -3.49 23.43
C GLY A 323 23.54 -5.01 23.42
N TYR A 324 22.72 -5.58 22.53
CA TYR A 324 22.52 -7.04 22.45
C TYR A 324 23.79 -7.75 21.99
N PHE A 325 23.95 -8.99 22.45
CA PHE A 325 25.10 -9.78 22.03
C PHE A 325 24.73 -10.56 20.78
N LEU A 326 23.43 -10.60 20.49
CA LEU A 326 22.92 -11.11 19.22
C LEU A 326 23.28 -10.16 18.08
N GLN A 327 24.22 -10.58 17.24
CA GLN A 327 24.62 -9.85 16.04
C GLN A 327 23.37 -9.72 15.19
N LEU A 328 22.84 -8.50 15.09
CA LEU A 328 21.62 -8.22 14.34
C LEU A 328 21.85 -8.37 12.84
N LYS A 329 20.81 -8.76 12.11
CA LYS A 329 20.99 -9.16 10.73
C LYS A 329 19.95 -8.54 9.81
N PHE A 330 20.43 -7.98 8.72
CA PHE A 330 19.54 -7.62 7.62
C PHE A 330 19.51 -8.72 6.55
N ASP A 331 18.51 -9.57 6.66
CA ASP A 331 18.30 -10.59 5.68
C ASP A 331 16.82 -10.75 5.46
N PRO A 332 16.31 -10.12 4.39
CA PRO A 332 14.90 -10.18 4.03
C PRO A 332 14.37 -11.60 3.88
N GLU A 333 15.25 -12.56 3.57
CA GLU A 333 14.80 -13.92 3.26
C GLU A 333 14.23 -14.62 4.49
N LEU A 334 14.45 -14.01 5.65
CA LEU A 334 14.00 -14.49 6.95
C LEU A 334 12.49 -14.45 7.07
N LEU A 335 11.89 -13.40 6.51
CA LEU A 335 10.43 -13.31 6.51
C LEU A 335 9.73 -14.02 5.35
N PHE A 336 10.49 -14.56 4.40
CA PHE A 336 9.89 -15.08 3.15
C PHE A 336 8.87 -16.21 3.33
N GLY A 337 8.82 -16.84 4.49
CA GLY A 337 7.82 -17.88 4.71
C GLY A 337 6.79 -17.56 5.79
N ALA A 338 6.15 -16.39 5.73
CA ALA A 338 5.32 -15.90 6.85
C ALA A 338 4.30 -14.82 6.48
N GLN A 339 3.16 -14.78 7.19
CA GLN A 339 2.21 -13.68 7.03
C GLN A 339 2.97 -12.41 7.34
N PHE A 340 3.38 -11.69 6.30
CA PHE A 340 3.97 -10.41 6.52
C PHE A 340 3.60 -9.46 5.40
N GLN A 341 2.88 -8.40 5.77
CA GLN A 341 2.48 -7.36 4.80
C GLN A 341 3.66 -6.44 4.52
N TYR A 342 4.12 -6.43 3.28
CA TYR A 342 5.26 -5.58 2.92
C TYR A 342 4.91 -4.08 2.72
N ARG A 343 4.13 -3.51 3.66
CA ARG A 343 3.78 -2.10 3.70
C ARG A 343 4.04 -1.51 5.10
N ASN A 344 3.90 -0.19 5.23
CA ASN A 344 3.99 0.50 6.54
C ASN A 344 3.39 1.90 6.52
N ARG A 345 2.62 2.21 7.59
CA ARG A 345 2.03 3.54 7.81
C ARG A 345 2.52 4.15 9.12
N ILE A 346 3.16 5.33 9.05
CA ILE A 346 3.78 5.99 10.23
C ILE A 346 2.73 6.42 11.22
N ALA A 347 3.03 6.28 12.51
CA ALA A 347 2.06 6.61 13.56
C ALA A 347 2.49 7.77 14.44
N MET A 348 1.53 8.53 14.95
CA MET A 348 1.83 9.61 15.89
C MET A 348 2.69 9.17 17.05
N GLU A 349 2.51 7.94 17.50
CA GLU A 349 3.17 7.48 18.67
C GLU A 349 4.63 7.25 18.37
N PHE A 350 4.92 6.98 17.12
CA PHE A 350 6.29 6.70 16.73
C PHE A 350 7.02 8.05 16.68
N ASN A 351 6.33 9.04 16.11
CA ASN A 351 6.75 10.41 16.01
C ASN A 351 7.03 10.90 17.44
N GLN A 352 5.99 11.04 18.27
CA GLN A 352 6.14 11.33 19.71
C GLN A 352 7.37 10.61 20.28
N LEU A 353 7.30 9.29 20.35
CA LEU A 353 8.32 8.43 20.95
C LEU A 353 9.76 8.71 20.46
N TYR A 354 9.87 9.18 19.22
CA TYR A 354 11.18 9.28 18.56
C TYR A 354 11.84 10.66 18.83
N HIS A 355 11.33 11.34 19.86
CA HIS A 355 11.86 12.65 20.25
C HIS A 355 13.07 12.54 21.22
N TRP A 356 14.20 12.15 20.65
CA TRP A 356 15.40 11.86 21.43
C TRP A 356 16.36 13.04 21.62
N HIS A 357 15.79 14.24 21.76
CA HIS A 357 16.56 15.47 21.93
C HIS A 357 17.56 15.43 23.09
N PRO A 358 17.26 14.63 24.14
CA PRO A 358 18.24 14.38 25.20
C PRO A 358 19.52 13.68 24.69
N LEU A 359 19.64 13.51 23.37
CA LEU A 359 20.87 13.00 22.83
C LEU A 359 21.89 14.12 22.69
N MET A 360 21.41 15.35 22.53
CA MET A 360 22.26 16.47 22.13
C MET A 360 22.98 17.05 23.35
N PRO A 361 24.25 17.50 23.19
CA PRO A 361 25.12 17.82 24.32
C PRO A 361 24.96 19.26 24.79
N ASP A 362 25.95 19.74 25.57
CA ASP A 362 25.97 21.13 26.01
C ASP A 362 26.54 22.02 24.91
N SER A 363 27.63 21.54 24.32
CA SER A 363 28.31 22.24 23.25
C SER A 363 28.70 21.19 22.22
N PHE A 364 29.41 21.62 21.18
CA PHE A 364 29.76 20.71 20.10
C PHE A 364 31.24 20.81 19.81
N ARG A 365 32.02 19.85 20.32
CA ARG A 365 33.48 19.96 20.21
C ARG A 365 33.99 19.48 18.86
N VAL A 366 34.75 20.36 18.20
CA VAL A 366 35.38 20.03 16.92
C VAL A 366 36.88 20.32 17.00
N GLY A 367 37.63 19.29 17.36
CA GLY A 367 39.07 19.37 17.45
C GLY A 367 39.45 20.20 18.66
N PRO A 368 40.43 21.12 18.51
CA PRO A 368 40.73 22.04 19.62
C PRO A 368 39.50 22.86 20.02
N GLN A 369 38.65 23.21 19.04
CA GLN A 369 37.50 24.07 19.27
C GLN A 369 36.34 23.37 19.98
N ASP A 370 35.62 24.16 20.77
CA ASP A 370 34.35 23.77 21.37
C ASP A 370 33.27 24.78 20.94
N TYR A 371 32.18 24.30 20.34
CA TYR A 371 31.12 25.19 19.78
C TYR A 371 29.82 25.21 20.58
N SER A 372 29.46 26.40 21.04
CA SER A 372 28.15 26.67 21.66
C SER A 372 27.01 26.43 20.66
N TYR A 373 25.77 26.45 21.16
CA TYR A 373 24.57 26.26 20.32
C TYR A 373 24.38 27.42 19.41
N GLU A 374 24.50 28.60 19.99
CA GLU A 374 24.40 29.82 19.23
C GLU A 374 25.56 29.95 18.22
N GLN A 375 26.43 28.94 18.16
CA GLN A 375 27.49 28.90 17.16
C GLN A 375 27.27 27.76 16.12
N PHE A 376 26.59 26.71 16.57
CA PHE A 376 26.41 25.51 15.77
C PHE A 376 25.15 25.66 14.93
N LEU A 377 24.04 25.99 15.57
CA LEU A 377 22.76 26.19 14.88
C LEU A 377 22.86 27.15 13.72
N PHE A 378 22.35 26.71 12.58
CA PHE A 378 22.22 27.54 11.38
C PHE A 378 23.57 27.93 10.76
N ASN A 379 24.69 27.46 11.32
CA ASN A 379 25.98 27.78 10.73
C ASN A 379 26.02 27.15 9.35
N THR A 380 26.33 27.95 8.35
CA THR A 380 26.19 27.55 6.97
C THR A 380 27.54 27.25 6.32
N SER A 381 28.59 27.87 6.86
CA SER A 381 29.92 27.70 6.30
C SER A 381 30.69 26.56 6.98
N MET A 382 30.21 26.08 8.14
CA MET A 382 30.95 25.13 8.98
C MET A 382 31.24 23.80 8.29
N LEU A 383 30.21 23.19 7.70
CA LEU A 383 30.42 21.95 6.97
C LEU A 383 31.52 22.19 5.95
N VAL A 384 31.46 23.33 5.26
CA VAL A 384 32.46 23.59 4.24
C VAL A 384 33.76 24.14 4.83
N ASP A 385 33.73 24.58 6.08
CA ASP A 385 34.97 25.00 6.77
C ASP A 385 35.87 23.81 7.19
N TYR A 386 35.28 22.77 7.77
CA TYR A 386 36.06 21.62 8.26
C TYR A 386 36.09 20.44 7.28
N GLY A 387 35.03 20.27 6.50
CA GLY A 387 34.96 19.15 5.57
C GLY A 387 34.46 17.90 6.25
N VAL A 388 33.98 16.95 5.45
CA VAL A 388 33.29 15.76 5.97
C VAL A 388 34.16 14.97 6.95
N GLU A 389 35.31 14.50 6.47
CA GLU A 389 36.25 13.69 7.26
C GLU A 389 36.38 14.27 8.66
N ALA A 390 36.84 15.53 8.72
CA ALA A 390 37.14 16.21 9.98
C ALA A 390 35.93 16.39 10.90
N LEU A 391 34.73 16.41 10.32
CA LEU A 391 33.51 16.59 11.12
C LEU A 391 32.87 15.29 11.60
N VAL A 392 32.85 14.29 10.72
CA VAL A 392 32.53 12.94 11.13
C VAL A 392 33.43 12.55 12.28
N ASP A 393 34.74 12.74 12.14
CA ASP A 393 35.70 12.32 13.17
C ASP A 393 35.30 12.97 14.49
N ALA A 394 34.80 14.19 14.42
CA ALA A 394 34.51 14.95 15.63
C ALA A 394 33.17 14.57 16.29
N PHE A 395 32.26 13.96 15.52
CA PHE A 395 30.96 13.56 16.05
C PHE A 395 31.04 12.16 16.62
N SER A 396 31.83 11.37 15.94
CA SER A 396 32.18 10.03 16.33
C SER A 396 32.91 10.03 17.66
N ARG A 397 33.58 11.14 18.00
CA ARG A 397 34.40 11.20 19.20
C ARG A 397 33.66 11.78 20.40
N GLN A 398 32.71 12.67 20.16
CA GLN A 398 32.00 13.34 21.25
C GLN A 398 30.84 12.47 21.70
N PRO A 399 30.69 12.27 23.02
CA PRO A 399 29.58 11.50 23.59
C PRO A 399 28.21 12.13 23.33
N ALA A 400 27.18 11.30 23.34
CA ALA A 400 25.80 11.71 23.12
C ALA A 400 25.12 11.54 24.44
N GLY A 401 24.00 12.26 24.63
CA GLY A 401 23.30 12.28 25.93
C GLY A 401 22.64 10.94 26.18
N ARG A 402 22.40 10.62 27.45
CA ARG A 402 21.55 9.50 27.79
C ARG A 402 20.09 9.94 27.58
N ILE A 403 19.32 9.12 26.86
CA ILE A 403 17.94 9.48 26.47
C ILE A 403 16.93 9.33 27.58
N GLY A 404 16.84 8.15 28.19
CA GLY A 404 15.92 7.94 29.32
C GLY A 404 16.59 8.28 30.64
N GLY A 405 15.82 8.29 31.72
CA GLY A 405 16.38 8.61 33.02
C GLY A 405 15.95 9.95 33.55
N GLY A 406 15.55 10.85 32.65
CA GLY A 406 15.01 12.15 33.04
C GLY A 406 16.05 13.25 33.19
N ARG A 407 15.59 14.49 33.21
CA ARG A 407 16.44 15.70 33.26
C ARG A 407 17.68 15.65 32.36
N ASN A 408 17.50 15.25 31.11
CA ASN A 408 18.65 15.25 30.22
C ASN A 408 18.57 16.13 28.97
N ILE A 409 17.46 16.86 28.78
CA ILE A 409 17.38 17.81 27.67
C ILE A 409 18.01 19.16 27.96
N ASP A 410 18.98 19.53 27.11
CA ASP A 410 19.60 20.86 27.13
C ASP A 410 18.54 21.93 27.04
N HIS A 411 18.78 23.07 27.69
CA HIS A 411 17.81 24.14 27.76
C HIS A 411 17.53 24.71 26.38
N HIS A 412 18.58 24.85 25.58
CA HIS A 412 18.46 25.40 24.24
C HIS A 412 17.32 24.75 23.42
N ILE A 413 17.14 23.43 23.52
CA ILE A 413 16.10 22.75 22.72
C ILE A 413 14.94 22.20 23.54
N LEU A 414 14.84 22.69 24.78
CA LEU A 414 13.83 22.19 25.73
C LEU A 414 12.40 22.44 25.33
N HIS A 415 12.17 23.58 24.66
CA HIS A 415 10.88 23.94 24.01
C HIS A 415 10.34 22.89 23.03
N VAL A 416 11.18 22.02 22.50
CA VAL A 416 10.66 20.96 21.64
C VAL A 416 9.75 20.05 22.46
N ALA A 417 10.27 19.54 23.58
CA ALA A 417 9.56 18.56 24.40
C ALA A 417 8.26 19.15 24.92
N VAL A 418 8.30 20.46 25.14
CA VAL A 418 7.15 21.23 25.55
C VAL A 418 6.04 21.10 24.51
N ASP A 419 6.40 21.19 23.23
CA ASP A 419 5.41 21.10 22.16
C ASP A 419 4.91 19.67 21.96
N VAL A 420 5.80 18.71 22.19
CA VAL A 420 5.46 17.29 22.10
C VAL A 420 4.28 16.95 23.00
N ILE A 421 4.35 17.30 24.28
CA ILE A 421 3.23 17.01 25.20
C ILE A 421 1.99 17.81 24.84
N LYS A 422 2.19 19.05 24.41
CA LYS A 422 1.10 19.92 24.02
C LYS A 422 0.33 19.23 22.90
N GLU A 423 1.06 18.85 21.86
CA GLU A 423 0.50 18.12 20.74
C GLU A 423 -0.13 16.79 21.19
N SER A 424 0.47 16.17 22.21
CA SER A 424 0.01 14.90 22.73
C SER A 424 -1.43 15.05 23.15
N ARG A 425 -1.78 16.24 23.62
CA ARG A 425 -3.11 16.49 24.15
C ARG A 425 -4.09 16.98 23.08
N VAL A 426 -3.55 17.47 21.96
CA VAL A 426 -4.32 17.74 20.75
C VAL A 426 -4.67 16.39 20.08
N LEU A 427 -3.71 15.47 20.11
CA LEU A 427 -3.87 14.15 19.53
C LEU A 427 -4.67 13.19 20.45
N ARG A 428 -5.11 13.70 21.60
CA ARG A 428 -5.70 12.88 22.66
C ARG A 428 -5.10 11.48 22.77
N LEU A 429 -3.77 11.40 22.90
CA LEU A 429 -3.09 10.12 23.14
C LEU A 429 -3.55 9.57 24.46
N GLN A 430 -3.83 8.27 24.50
CA GLN A 430 -4.26 7.62 25.72
C GLN A 430 -3.15 7.69 26.80
N PRO A 431 -3.47 7.29 28.03
CA PRO A 431 -2.44 7.35 29.07
C PRO A 431 -1.34 6.34 28.85
N PHE A 432 -0.15 6.66 29.33
CA PHE A 432 0.98 5.74 29.30
C PHE A 432 0.58 4.30 29.59
N ASN A 433 -0.20 4.10 30.66
CA ASN A 433 -0.55 2.77 31.12
C ASN A 433 -1.37 1.97 30.11
N GLU A 434 -2.05 2.66 29.21
CA GLU A 434 -2.76 2.00 28.13
C GLU A 434 -1.84 1.53 27.01
N TYR A 435 -0.90 2.39 26.62
CA TYR A 435 0.15 1.99 25.71
C TYR A 435 1.01 0.86 26.27
N ARG A 436 1.22 0.90 27.58
CA ARG A 436 1.80 -0.24 28.26
C ARG A 436 1.04 -1.52 27.89
N LYS A 437 -0.29 -1.51 28.05
CA LYS A 437 -1.09 -2.70 27.78
C LYS A 437 -1.09 -3.10 26.30
N ARG A 438 -1.12 -2.13 25.42
CA ARG A 438 -1.15 -2.52 24.05
C ARG A 438 0.14 -3.26 23.69
N PHE A 439 1.26 -2.89 24.30
CA PHE A 439 2.53 -3.53 23.94
C PHE A 439 2.93 -4.70 24.82
N GLY A 440 1.94 -5.36 25.40
CA GLY A 440 2.17 -6.62 26.10
C GLY A 440 3.12 -6.50 27.28
N MET A 441 2.84 -5.47 28.08
CA MET A 441 3.50 -5.18 29.36
C MET A 441 2.44 -4.89 30.41
N LYS A 442 2.83 -5.12 31.67
CA LYS A 442 1.99 -4.80 32.81
C LYS A 442 2.04 -3.29 33.09
N PRO A 443 0.88 -2.68 33.40
CA PRO A 443 0.85 -1.27 33.72
C PRO A 443 1.47 -0.98 35.09
N TYR A 444 1.92 0.25 35.29
CA TYR A 444 2.46 0.67 36.57
C TYR A 444 1.37 0.97 37.57
N THR A 445 1.59 0.63 38.83
CA THR A 445 0.57 0.84 39.87
C THR A 445 0.83 2.04 40.77
N SER A 446 2.07 2.53 40.74
CA SER A 446 2.48 3.69 41.50
C SER A 446 3.52 4.44 40.71
N PHE A 447 3.53 5.75 40.88
CA PHE A 447 4.56 6.58 40.26
C PHE A 447 5.90 6.18 40.82
N GLN A 448 5.88 5.61 42.03
CA GLN A 448 7.07 5.05 42.67
C GLN A 448 7.60 3.89 41.81
N GLU A 449 6.70 2.99 41.43
CA GLU A 449 7.09 1.83 40.64
C GLU A 449 7.68 2.23 39.29
N LEU A 450 7.32 3.42 38.80
CA LEU A 450 7.72 3.87 37.46
C LEU A 450 9.18 4.32 37.37
N THR A 451 9.57 5.25 38.25
CA THR A 451 10.92 5.81 38.23
C THR A 451 11.91 4.98 39.05
N GLY A 452 11.37 4.23 40.00
CA GLY A 452 12.18 3.45 40.94
C GLY A 452 12.46 4.28 42.18
N GLU A 453 13.19 5.38 41.99
CA GLU A 453 13.54 6.30 43.08
C GLU A 453 12.30 6.84 43.83
N LYS A 454 12.51 7.38 45.03
CA LYS A 454 11.42 7.82 45.91
C LYS A 454 10.93 9.27 45.68
N GLU A 455 11.89 10.14 45.38
CA GLU A 455 11.68 11.59 45.33
C GLU A 455 10.78 12.07 44.17
N MET A 456 11.35 12.14 42.97
CA MET A 456 10.69 12.68 41.75
C MET A 456 9.35 12.04 41.42
N ALA A 457 9.17 10.79 41.84
CA ALA A 457 7.89 10.09 41.69
C ALA A 457 6.75 10.84 42.40
N ALA A 458 6.99 11.17 43.67
CA ALA A 458 5.95 11.73 44.55
C ALA A 458 5.48 13.13 44.14
N GLU A 459 6.32 13.83 43.37
CA GLU A 459 5.98 15.16 42.86
C GLU A 459 4.90 14.99 41.79
N LEU A 460 5.17 14.10 40.84
CA LEU A 460 4.20 13.68 39.82
C LEU A 460 2.95 13.20 40.51
N GLU A 461 3.15 12.26 41.43
CA GLU A 461 2.10 11.71 42.26
C GLU A 461 1.08 12.76 42.70
N GLU A 462 1.52 14.03 42.73
CA GLU A 462 0.70 15.13 43.22
C GLU A 462 0.27 16.05 42.08
N LEU A 463 1.11 16.13 41.07
CA LEU A 463 0.72 16.80 39.83
C LEU A 463 -0.41 16.07 39.11
N TYR A 464 -0.27 14.75 38.93
CA TYR A 464 -1.21 13.91 38.14
C TYR A 464 -2.36 13.28 38.94
N GLY A 465 -2.12 12.98 40.22
CA GLY A 465 -3.16 12.40 41.12
C GLY A 465 -3.36 10.89 41.10
N ASP A 466 -3.02 10.28 39.96
CA ASP A 466 -3.30 8.86 39.68
C ASP A 466 -2.41 8.44 38.49
N ILE A 467 -1.85 7.24 38.56
CA ILE A 467 -0.87 6.75 37.57
C ILE A 467 -1.45 6.58 36.16
N ASP A 468 -2.75 6.29 36.09
CA ASP A 468 -3.42 6.03 34.83
C ASP A 468 -3.73 7.32 34.11
N ALA A 469 -3.27 8.43 34.70
CA ALA A 469 -3.30 9.73 34.06
C ALA A 469 -2.01 9.96 33.28
N LEU A 470 -0.88 9.53 33.85
CA LEU A 470 0.46 9.77 33.31
C LEU A 470 0.53 9.70 31.77
N GLU A 471 1.24 10.65 31.17
CA GLU A 471 1.19 10.80 29.71
C GLU A 471 2.23 10.06 28.91
N PHE A 472 1.87 9.78 27.67
CA PHE A 472 2.70 8.97 26.80
C PHE A 472 4.15 9.45 26.85
N TYR A 473 4.43 10.65 26.37
CA TYR A 473 5.82 11.12 26.29
C TYR A 473 6.56 11.17 27.63
N PRO A 474 5.93 11.80 28.63
CA PRO A 474 6.55 11.90 29.95
C PRO A 474 6.94 10.54 30.51
N GLY A 475 5.98 9.61 30.51
CA GLY A 475 6.21 8.28 31.06
C GLY A 475 7.45 7.69 30.43
N LEU A 476 7.55 7.83 29.10
CA LEU A 476 8.68 7.31 28.36
C LEU A 476 9.96 7.89 28.92
N LEU A 477 10.07 9.23 28.98
CA LEU A 477 11.34 9.82 29.38
C LEU A 477 11.68 9.75 30.87
N LEU A 478 10.72 9.35 31.68
CA LEU A 478 10.86 9.36 33.13
C LEU A 478 10.94 7.96 33.69
N GLU A 479 10.64 6.97 32.86
CA GLU A 479 10.72 5.57 33.28
C GLU A 479 12.13 5.19 33.68
N LYS A 480 12.23 4.48 34.79
CA LYS A 480 13.48 3.86 35.22
C LYS A 480 14.13 3.07 34.06
N CYS A 481 15.45 3.13 34.00
CA CYS A 481 16.16 2.42 32.93
C CYS A 481 16.90 1.21 33.44
N HIS A 482 16.84 0.13 32.66
CA HIS A 482 17.58 -1.10 32.93
C HIS A 482 19.02 -0.80 33.36
N PRO A 483 19.68 -1.80 33.99
CA PRO A 483 21.11 -1.68 34.31
C PRO A 483 21.94 -1.09 33.15
N ASN A 484 22.23 0.20 33.23
CA ASN A 484 23.05 0.92 32.24
C ASN A 484 22.53 0.87 30.80
N SER A 485 21.27 1.28 30.63
CA SER A 485 20.66 1.40 29.31
C SER A 485 20.51 2.87 28.91
N ILE A 486 20.42 3.12 27.60
CA ILE A 486 20.27 4.48 27.06
C ILE A 486 18.87 4.99 27.32
N PHE A 487 17.92 4.08 27.42
CA PHE A 487 16.57 4.45 27.87
C PHE A 487 15.88 3.27 28.51
N GLY A 488 14.70 3.52 29.05
CA GLY A 488 13.96 2.53 29.81
C GLY A 488 13.41 1.42 28.97
N GLU A 489 12.72 0.48 29.62
CA GLU A 489 12.11 -0.62 28.90
C GLU A 489 11.05 -0.13 27.93
N SER A 490 10.17 0.76 28.36
CA SER A 490 9.03 1.12 27.51
C SER A 490 9.43 1.58 26.12
N MET A 491 10.31 2.58 26.03
CA MET A 491 10.93 3.01 24.77
C MET A 491 11.33 1.79 23.93
N ILE A 492 12.18 0.94 24.50
CA ILE A 492 12.58 -0.29 23.80
C ILE A 492 11.38 -1.08 23.36
N GLU A 493 10.46 -1.29 24.28
CA GLU A 493 9.41 -2.27 24.09
C GLU A 493 8.29 -1.76 23.21
N MET A 494 8.19 -0.42 23.14
CA MET A 494 7.24 0.26 22.23
C MET A 494 7.86 0.72 20.94
N GLY A 495 9.13 1.12 20.99
CA GLY A 495 9.80 1.70 19.83
C GLY A 495 10.04 0.66 18.78
N ALA A 496 10.84 -0.34 19.15
CA ALA A 496 11.28 -1.42 18.26
C ALA A 496 10.19 -1.95 17.36
N PRO A 497 8.97 -2.21 17.88
CA PRO A 497 8.00 -2.71 16.93
C PRO A 497 7.84 -1.78 15.75
N PHE A 498 7.62 -0.51 16.01
CA PHE A 498 7.42 0.43 14.94
C PHE A 498 8.70 0.45 14.17
N SER A 499 9.80 0.66 14.88
CA SER A 499 11.12 0.66 14.29
C SER A 499 11.23 -0.45 13.21
N LEU A 500 10.99 -1.70 13.62
CA LEU A 500 11.24 -2.84 12.74
C LEU A 500 10.29 -2.85 11.57
N LYS A 501 9.01 -2.71 11.87
CA LYS A 501 7.98 -2.59 10.85
C LYS A 501 8.34 -1.46 9.85
N GLY A 502 8.97 -0.40 10.36
CA GLY A 502 9.41 0.70 9.54
C GLY A 502 10.54 0.35 8.61
N LEU A 503 11.36 -0.65 8.93
CA LEU A 503 12.47 -1.01 8.04
C LEU A 503 12.08 -2.08 7.05
N LEU A 504 11.49 -3.17 7.56
CA LEU A 504 11.19 -4.38 6.78
C LEU A 504 9.82 -4.36 6.10
N GLY A 505 8.96 -3.43 6.49
CA GLY A 505 7.69 -3.23 5.80
C GLY A 505 7.92 -2.26 4.67
N ASN A 506 8.79 -2.68 3.74
CA ASN A 506 9.31 -1.87 2.67
C ASN A 506 9.37 -2.82 1.50
N PRO A 507 8.80 -2.40 0.36
CA PRO A 507 8.63 -3.31 -0.75
C PRO A 507 9.94 -3.88 -1.18
N ILE A 508 11.01 -3.10 -1.08
CA ILE A 508 12.34 -3.61 -1.44
C ILE A 508 12.66 -4.93 -0.70
N CYS A 509 12.16 -5.06 0.51
CA CYS A 509 12.42 -6.27 1.28
C CYS A 509 11.46 -7.39 0.91
N SER A 510 10.56 -7.15 -0.05
CA SER A 510 9.57 -8.19 -0.43
C SER A 510 10.16 -9.29 -1.32
N PRO A 511 9.48 -10.45 -1.38
CA PRO A 511 9.89 -11.47 -2.34
C PRO A 511 9.95 -10.97 -3.76
N GLU A 512 9.07 -10.01 -4.09
CA GLU A 512 9.00 -9.42 -5.42
C GLU A 512 10.22 -8.55 -5.78
N TYR A 513 10.71 -7.77 -4.83
CA TYR A 513 11.77 -6.79 -5.10
C TYR A 513 13.17 -7.21 -4.63
N TRP A 514 13.30 -8.34 -3.94
CA TRP A 514 14.58 -8.72 -3.37
C TRP A 514 15.34 -9.72 -4.28
N LYS A 515 15.84 -9.21 -5.41
CA LYS A 515 16.58 -9.99 -6.43
C LYS A 515 17.76 -9.16 -6.96
N ALA A 516 18.69 -9.81 -7.64
CA ALA A 516 19.82 -9.04 -8.17
C ALA A 516 19.39 -7.92 -9.13
N SER A 517 18.42 -8.22 -10.01
CA SER A 517 17.96 -7.30 -11.07
C SER A 517 17.41 -5.95 -10.58
N THR A 518 16.81 -5.95 -9.39
CA THR A 518 16.26 -4.72 -8.82
C THR A 518 17.35 -3.69 -8.66
N PHE A 519 18.58 -4.16 -8.50
CA PHE A 519 19.74 -3.33 -8.24
C PHE A 519 20.74 -3.42 -9.37
N GLY A 520 20.26 -3.83 -10.55
CA GLY A 520 21.09 -3.85 -11.75
C GLY A 520 22.15 -4.94 -11.73
N GLY A 521 21.95 -5.94 -10.86
CA GLY A 521 22.80 -7.12 -10.86
C GLY A 521 23.44 -7.35 -9.52
N GLU A 522 24.51 -8.11 -9.54
CA GLU A 522 25.20 -8.56 -8.35
C GLU A 522 25.91 -7.41 -7.68
N VAL A 523 26.45 -6.50 -8.48
CA VAL A 523 27.23 -5.38 -7.97
C VAL A 523 26.39 -4.54 -7.03
N GLY A 524 25.18 -4.22 -7.49
CA GLY A 524 24.27 -3.39 -6.73
C GLY A 524 23.85 -4.12 -5.48
N PHE A 525 23.45 -5.36 -5.69
CA PHE A 525 22.95 -6.19 -4.60
C PHE A 525 24.01 -6.33 -3.52
N ASN A 526 25.26 -6.52 -3.91
CA ASN A 526 26.33 -6.68 -2.95
C ASN A 526 26.63 -5.41 -2.16
N LEU A 527 26.44 -4.23 -2.76
CA LEU A 527 26.54 -2.99 -1.98
C LEU A 527 25.45 -2.92 -0.89
N VAL A 528 24.23 -3.35 -1.21
CA VAL A 528 23.23 -3.42 -0.18
C VAL A 528 23.71 -4.43 0.84
N LYS A 529 23.96 -5.65 0.40
CA LYS A 529 24.34 -6.72 1.31
C LYS A 529 25.54 -6.41 2.19
N THR A 530 26.43 -5.51 1.76
CA THR A 530 27.75 -5.36 2.42
C THR A 530 28.12 -3.98 2.96
N ALA A 531 27.19 -3.03 2.85
CA ALA A 531 27.39 -1.67 3.32
C ALA A 531 27.57 -1.58 4.84
N THR A 532 28.26 -0.49 5.25
CA THR A 532 28.67 -0.22 6.63
C THR A 532 28.69 1.30 6.64
N LEU A 533 28.46 1.89 7.81
CA LEU A 533 28.62 3.31 8.01
C LEU A 533 30.03 3.70 7.58
N LYS A 534 31.03 3.03 8.16
CA LYS A 534 32.44 3.21 7.80
C LYS A 534 32.69 3.31 6.28
N LYS A 535 31.97 2.50 5.50
CA LYS A 535 32.14 2.42 4.05
C LYS A 535 31.35 3.49 3.32
N LEU A 536 30.15 3.75 3.82
CA LEU A 536 29.34 4.88 3.35
C LEU A 536 30.11 6.22 3.47
N VAL A 537 30.80 6.44 4.59
CA VAL A 537 31.72 7.57 4.69
C VAL A 537 33.03 7.41 3.86
N CYS A 538 33.89 6.47 4.24
CA CYS A 538 35.29 6.48 3.77
C CYS A 538 35.47 6.24 2.27
N LEU A 539 34.56 5.49 1.66
CA LEU A 539 34.65 5.29 0.23
C LEU A 539 34.30 6.58 -0.51
N ASN A 540 33.81 7.57 0.24
CA ASN A 540 33.45 8.90 -0.31
C ASN A 540 34.32 10.09 0.10
N THR A 541 35.37 9.83 0.88
CA THR A 541 36.25 10.89 1.41
C THR A 541 37.68 10.64 0.94
N LYS A 542 38.56 11.65 1.07
CA LYS A 542 39.98 11.53 0.67
C LYS A 542 40.74 10.58 1.63
N THR A 543 40.63 10.87 2.92
CA THR A 543 41.17 10.01 3.97
C THR A 543 40.04 9.34 4.77
N CYS A 544 40.39 8.34 5.55
CA CYS A 544 39.39 7.66 6.34
C CYS A 544 39.61 8.01 7.81
N PRO A 545 38.67 8.76 8.40
CA PRO A 545 38.80 9.16 9.79
C PRO A 545 38.15 8.14 10.71
N TYR A 546 38.18 8.40 12.01
CA TYR A 546 37.40 7.61 12.95
C TYR A 546 35.95 7.84 12.64
N VAL A 547 35.21 6.74 12.52
CA VAL A 547 33.78 6.78 12.26
C VAL A 547 33.18 5.57 12.95
N SER A 548 31.99 5.77 13.52
CA SER A 548 31.40 4.79 14.44
C SER A 548 30.20 5.43 15.12
N PHE A 549 29.31 4.60 15.65
CA PHE A 549 28.21 5.07 16.46
C PHE A 549 28.58 5.08 17.95
N HIS A 550 29.80 4.64 18.26
CA HIS A 550 30.27 4.72 19.63
C HIS A 550 31.60 5.47 19.72
N VAL A 551 31.74 6.20 20.82
CA VAL A 551 33.00 6.83 21.24
C VAL A 551 34.09 5.78 21.49
N PRO A 552 35.37 6.12 21.23
CA PRO A 552 36.48 5.13 21.31
C PRO A 552 36.73 4.41 22.67
N ASP A 553 37.66 3.46 22.68
CA ASP A 553 38.11 2.79 23.90
C ASP A 553 38.75 3.81 24.84
N PRO B 1 24.31 -2.40 -32.00
CA PRO B 1 23.87 -3.80 -32.06
C PRO B 1 22.44 -3.98 -31.53
N VAL B 2 21.69 -4.88 -32.18
CA VAL B 2 20.32 -5.25 -31.76
C VAL B 2 20.24 -5.52 -30.25
N ASN B 3 19.10 -5.16 -29.67
CA ASN B 3 18.84 -5.35 -28.25
C ASN B 3 18.45 -6.79 -27.98
N PRO B 4 19.29 -7.54 -27.23
CA PRO B 4 19.09 -8.95 -26.89
C PRO B 4 17.75 -9.23 -26.21
N CYS B 5 17.41 -8.42 -25.21
CA CYS B 5 16.15 -8.57 -24.49
C CYS B 5 14.97 -8.59 -25.43
N CYS B 6 15.20 -8.11 -26.64
CA CYS B 6 14.11 -7.96 -27.59
C CYS B 6 13.66 -9.32 -28.18
N TYR B 7 14.45 -10.35 -27.91
CA TYR B 7 14.08 -11.70 -28.24
C TYR B 7 13.21 -12.35 -27.14
N TYR B 8 13.01 -11.65 -26.03
CA TYR B 8 12.44 -12.21 -24.77
C TYR B 8 13.08 -13.54 -24.37
N PRO B 9 14.39 -13.53 -24.14
CA PRO B 9 15.17 -14.73 -23.88
C PRO B 9 14.80 -15.40 -22.58
N CYS B 10 14.38 -14.58 -21.61
CA CYS B 10 14.15 -15.03 -20.26
C CYS B 10 12.78 -15.66 -20.09
N GLN B 11 12.80 -16.97 -19.93
CA GLN B 11 11.60 -17.76 -19.76
C GLN B 11 11.22 -17.81 -18.29
N HIS B 12 9.96 -18.13 -18.04
CA HIS B 12 9.49 -18.47 -16.69
C HIS B 12 9.55 -17.35 -15.68
N GLN B 13 9.49 -16.12 -16.20
CA GLN B 13 9.41 -14.92 -15.37
C GLN B 13 10.80 -14.37 -15.01
N GLY B 14 11.86 -14.97 -15.54
CA GLY B 14 13.20 -14.40 -15.37
C GLY B 14 13.25 -13.00 -15.98
N ILE B 15 14.00 -12.10 -15.35
CA ILE B 15 14.06 -10.69 -15.77
C ILE B 15 15.24 -10.49 -16.70
N CYS B 16 14.97 -10.09 -17.95
CA CYS B 16 16.05 -9.84 -18.91
C CYS B 16 16.73 -8.52 -18.64
N VAL B 17 18.03 -8.51 -18.48
CA VAL B 17 18.72 -7.26 -18.20
C VAL B 17 19.96 -7.08 -19.08
N ARG B 18 20.15 -5.87 -19.60
CA ARG B 18 21.24 -5.52 -20.54
C ARG B 18 22.54 -5.24 -19.77
N PHE B 19 23.65 -5.82 -20.24
CA PHE B 19 24.97 -5.68 -19.62
C PHE B 19 26.00 -5.34 -20.69
N GLY B 20 26.82 -4.34 -20.43
CA GLY B 20 27.78 -3.90 -21.45
C GLY B 20 27.04 -3.56 -22.74
N LEU B 21 27.66 -3.90 -23.88
CA LEU B 21 27.18 -3.41 -25.18
C LEU B 21 25.95 -4.14 -25.73
N ASP B 22 26.03 -5.48 -25.75
CA ASP B 22 25.03 -6.32 -26.39
C ASP B 22 24.86 -7.68 -25.74
N ARG B 23 25.40 -7.84 -24.53
CA ARG B 23 25.23 -9.05 -23.73
CA ARG B 23 25.22 -9.06 -23.76
C ARG B 23 23.91 -8.87 -23.02
N TYR B 24 23.34 -9.96 -22.51
CA TYR B 24 22.23 -9.85 -21.54
C TYR B 24 22.48 -10.86 -20.39
N GLN B 25 21.64 -10.80 -19.37
CA GLN B 25 21.64 -11.82 -18.34
C GLN B 25 20.22 -11.92 -17.86
N CYS B 26 19.76 -13.13 -17.62
CA CYS B 26 18.46 -13.35 -17.02
C CYS B 26 18.66 -13.54 -15.53
N ASP B 27 17.80 -12.90 -14.74
CA ASP B 27 17.81 -13.14 -13.32
C ASP B 27 16.72 -14.15 -13.03
N CYS B 28 17.17 -15.38 -12.72
CA CYS B 28 16.26 -16.50 -12.51
C CYS B 28 15.79 -16.66 -11.06
N THR B 29 16.34 -15.85 -10.16
CA THR B 29 15.85 -15.75 -8.79
C THR B 29 14.39 -16.25 -8.59
N ARG B 30 14.19 -17.14 -7.61
CA ARG B 30 12.84 -17.62 -7.19
C ARG B 30 11.88 -17.99 -8.32
N THR B 31 12.44 -18.39 -9.45
CA THR B 31 11.64 -18.72 -10.63
C THR B 31 11.26 -20.21 -10.62
N GLY B 32 12.03 -21.01 -9.92
CA GLY B 32 11.94 -22.44 -10.04
C GLY B 32 12.91 -22.94 -11.10
N TYR B 33 13.58 -22.01 -11.79
CA TYR B 33 14.54 -22.35 -12.84
C TYR B 33 15.91 -21.71 -12.63
N SER B 34 16.91 -22.23 -13.35
CA SER B 34 18.27 -21.66 -13.43
C SER B 34 18.76 -21.79 -14.89
N GLY B 35 20.03 -21.44 -15.16
CA GLY B 35 20.54 -21.34 -16.54
C GLY B 35 20.63 -19.90 -17.05
N PRO B 36 21.18 -19.71 -18.28
CA PRO B 36 21.25 -18.36 -18.82
C PRO B 36 19.86 -17.80 -19.10
N ASN B 37 18.90 -18.68 -19.42
CA ASN B 37 17.53 -18.26 -19.76
C ASN B 37 16.43 -18.76 -18.83
N CYS B 38 16.79 -19.33 -17.69
CA CYS B 38 15.81 -19.88 -16.73
C CYS B 38 14.97 -20.99 -17.35
N THR B 39 15.63 -21.98 -17.96
CA THR B 39 14.93 -23.11 -18.53
C THR B 39 15.33 -24.44 -17.87
N ILE B 40 16.31 -24.39 -16.98
CA ILE B 40 16.74 -25.58 -16.26
C ILE B 40 15.99 -25.67 -14.93
N PRO B 41 14.98 -26.56 -14.84
CA PRO B 41 14.06 -26.60 -13.71
C PRO B 41 14.68 -27.24 -12.47
N GLU B 42 14.35 -26.71 -11.28
CA GLU B 42 14.79 -27.29 -10.01
C GLU B 42 14.01 -28.56 -9.78
N ILE B 43 14.49 -29.38 -8.84
CA ILE B 43 13.88 -30.67 -8.56
C ILE B 43 12.37 -30.54 -8.35
N TRP B 44 11.94 -29.67 -7.45
CA TRP B 44 10.52 -29.51 -7.16
C TRP B 44 9.75 -28.92 -8.36
N THR B 45 10.41 -28.11 -9.18
CA THR B 45 9.69 -27.49 -10.30
C THR B 45 9.34 -28.50 -11.39
N TRP B 46 10.33 -29.32 -11.76
CA TRP B 46 10.11 -30.39 -12.71
C TRP B 46 9.01 -31.30 -12.19
N LEU B 47 9.10 -31.69 -10.94
CA LEU B 47 8.02 -32.44 -10.30
C LEU B 47 6.71 -31.76 -10.64
N ARG B 48 6.64 -30.47 -10.36
CA ARG B 48 5.39 -29.75 -10.42
C ARG B 48 4.78 -29.81 -11.80
N THR B 49 5.52 -29.36 -12.80
CA THR B 49 4.94 -29.13 -14.12
C THR B 49 4.58 -30.38 -14.94
N THR B 50 5.06 -31.55 -14.50
CA THR B 50 4.67 -32.81 -15.11
C THR B 50 3.46 -33.41 -14.41
N LEU B 51 3.45 -33.35 -13.07
CA LEU B 51 2.25 -33.73 -12.31
C LEU B 51 1.07 -32.73 -12.44
N ARG B 52 1.28 -31.61 -13.13
CA ARG B 52 0.23 -30.57 -13.32
C ARG B 52 -0.62 -30.80 -14.57
N PRO B 53 -1.94 -30.94 -14.39
CA PRO B 53 -2.91 -30.94 -15.49
C PRO B 53 -2.95 -29.63 -16.25
N SER B 54 -3.20 -29.74 -17.55
CA SER B 54 -3.42 -28.60 -18.43
C SER B 54 -4.74 -27.94 -18.06
N PRO B 55 -4.74 -26.60 -17.95
CA PRO B 55 -5.83 -25.66 -17.68
C PRO B 55 -7.23 -26.07 -18.17
N SER B 56 -7.29 -26.62 -19.37
CA SER B 56 -8.52 -27.05 -20.03
C SER B 56 -9.11 -28.31 -19.40
N PHE B 57 -8.23 -29.19 -18.94
CA PHE B 57 -8.61 -30.42 -18.25
C PHE B 57 -9.25 -30.07 -16.93
N ILE B 58 -8.65 -29.11 -16.24
CA ILE B 58 -9.16 -28.65 -14.97
C ILE B 58 -10.54 -28.01 -15.18
N HIS B 59 -10.64 -27.13 -16.17
CA HIS B 59 -11.88 -26.50 -16.59
C HIS B 59 -12.93 -27.55 -16.91
N PHE B 60 -12.63 -28.45 -17.84
CA PHE B 60 -13.51 -29.58 -18.11
C PHE B 60 -14.09 -30.18 -16.82
N LEU B 61 -13.20 -30.50 -15.88
CA LEU B 61 -13.61 -31.09 -14.61
C LEU B 61 -14.60 -30.20 -13.89
N LEU B 62 -14.17 -28.98 -13.54
CA LEU B 62 -15.02 -28.04 -12.81
C LEU B 62 -16.36 -27.79 -13.47
N THR B 63 -16.52 -28.21 -14.73
CA THR B 63 -17.72 -27.91 -15.51
C THR B 63 -18.51 -29.12 -15.93
N HIS B 64 -18.08 -30.29 -15.49
CA HIS B 64 -18.78 -31.50 -15.79
C HIS B 64 -18.96 -32.32 -14.52
N GLY B 65 -19.84 -33.31 -14.56
CA GLY B 65 -20.14 -34.21 -13.44
C GLY B 65 -20.74 -33.58 -12.18
N ARG B 66 -22.02 -33.20 -12.27
CA ARG B 66 -22.77 -32.67 -11.11
C ARG B 66 -22.67 -33.54 -9.86
N TRP B 67 -22.79 -34.85 -10.04
CA TRP B 67 -22.79 -35.78 -8.89
C TRP B 67 -21.59 -35.68 -7.95
N LEU B 68 -20.38 -35.66 -8.49
CA LEU B 68 -19.22 -35.36 -7.66
C LEU B 68 -19.32 -33.98 -6.96
N TRP B 69 -19.84 -32.96 -7.66
CA TRP B 69 -19.90 -31.59 -7.09
C TRP B 69 -20.98 -31.37 -6.01
N ASP B 70 -22.19 -31.86 -6.25
CA ASP B 70 -23.22 -31.98 -5.21
C ASP B 70 -22.53 -32.36 -3.90
N PHE B 71 -21.82 -33.50 -3.94
CA PHE B 71 -20.98 -33.99 -2.84
C PHE B 71 -20.00 -32.91 -2.39
N VAL B 72 -18.99 -32.65 -3.21
CA VAL B 72 -17.96 -31.69 -2.84
C VAL B 72 -18.57 -30.47 -2.13
N ASN B 73 -19.48 -29.75 -2.81
CA ASN B 73 -20.01 -28.46 -2.32
C ASN B 73 -20.53 -28.52 -0.88
N ALA B 74 -21.29 -29.57 -0.56
CA ALA B 74 -21.81 -29.77 0.80
C ALA B 74 -20.75 -30.15 1.87
N THR B 75 -19.57 -30.59 1.44
CA THR B 75 -18.48 -30.91 2.37
C THR B 75 -17.42 -29.82 2.40
N PHE B 76 -16.47 -29.93 3.32
CA PHE B 76 -15.37 -28.97 3.44
C PHE B 76 -14.50 -28.85 2.16
N ILE B 77 -14.52 -29.88 1.32
CA ILE B 77 -13.69 -29.89 0.12
C ILE B 77 -14.06 -28.65 -0.70
N ARG B 78 -15.25 -28.09 -0.42
CA ARG B 78 -15.65 -26.81 -0.96
C ARG B 78 -14.65 -25.70 -0.65
N ASP B 79 -14.07 -25.74 0.53
CA ASP B 79 -13.17 -24.68 0.98
C ASP B 79 -11.74 -24.90 0.51
N THR B 80 -11.28 -26.15 0.51
CA THR B 80 -9.91 -26.50 0.09
C THR B 80 -9.68 -25.98 -1.30
N LEU B 81 -10.70 -26.12 -2.14
CA LEU B 81 -10.61 -25.73 -3.55
C LEU B 81 -10.66 -24.22 -3.62
N MET B 82 -11.66 -23.63 -2.98
CA MET B 82 -11.70 -22.19 -2.95
C MET B 82 -10.35 -21.63 -2.50
N ARG B 83 -9.74 -22.21 -1.46
CA ARG B 83 -8.43 -21.73 -1.03
C ARG B 83 -7.41 -21.81 -2.15
N LEU B 84 -7.45 -22.93 -2.85
CA LEU B 84 -6.53 -23.25 -3.92
C LEU B 84 -6.64 -22.24 -5.05
N VAL B 85 -7.89 -22.00 -5.49
CA VAL B 85 -8.17 -21.05 -6.55
C VAL B 85 -7.57 -19.70 -6.18
N LEU B 86 -7.99 -19.21 -5.02
CA LEU B 86 -7.52 -17.96 -4.47
C LEU B 86 -6.00 -17.86 -4.56
N THR B 87 -5.30 -18.72 -3.84
CA THR B 87 -3.86 -18.55 -3.67
C THR B 87 -3.08 -18.84 -4.94
N VAL B 88 -3.45 -19.89 -5.68
CA VAL B 88 -2.70 -20.23 -6.91
C VAL B 88 -2.85 -19.16 -7.98
N ARG B 89 -4.10 -18.80 -8.27
CA ARG B 89 -4.43 -17.76 -9.24
C ARG B 89 -3.73 -16.45 -8.88
N SER B 90 -3.85 -16.00 -7.64
CA SER B 90 -3.37 -14.68 -7.26
C SER B 90 -1.86 -14.63 -7.38
N ASN B 91 -1.20 -15.75 -7.07
CA ASN B 91 0.25 -15.84 -7.16
C ASN B 91 0.85 -15.33 -8.47
N LEU B 92 0.10 -15.46 -9.56
CA LEU B 92 0.58 -15.02 -10.85
C LEU B 92 0.80 -13.48 -10.94
N ILE B 93 0.36 -12.74 -9.92
CA ILE B 93 0.32 -11.29 -9.95
C ILE B 93 1.35 -10.69 -8.99
N PRO B 94 2.25 -9.84 -9.53
CA PRO B 94 3.21 -9.24 -8.64
C PRO B 94 2.48 -8.30 -7.73
N SER B 95 2.82 -8.40 -6.46
CA SER B 95 2.41 -7.50 -5.44
C SER B 95 3.55 -7.59 -4.44
N PRO B 96 4.27 -6.48 -4.21
CA PRO B 96 4.09 -5.13 -4.73
C PRO B 96 4.18 -5.12 -6.23
N PRO B 97 3.46 -4.18 -6.89
CA PRO B 97 3.46 -3.98 -8.35
C PRO B 97 4.86 -3.70 -8.89
N THR B 98 5.10 -4.11 -10.12
CA THR B 98 6.43 -4.02 -10.71
C THR B 98 6.61 -2.78 -11.56
N TYR B 99 6.12 -2.83 -12.82
CA TYR B 99 6.48 -1.86 -13.88
C TYR B 99 5.28 -0.96 -14.24
N ASN B 100 5.57 0.09 -15.05
CA ASN B 100 4.58 1.08 -15.53
C ASN B 100 5.01 1.65 -16.89
N ILE B 101 4.14 2.42 -17.57
CA ILE B 101 4.46 2.94 -18.92
C ILE B 101 5.84 3.61 -19.02
N ALA B 102 6.29 4.17 -17.88
CA ALA B 102 7.57 4.88 -17.78
C ALA B 102 8.72 3.92 -17.51
N HIS B 103 8.53 2.99 -16.57
CA HIS B 103 9.58 2.09 -16.09
C HIS B 103 9.40 0.61 -16.45
N ASP B 104 10.39 0.10 -17.18
CA ASP B 104 10.48 -1.33 -17.51
C ASP B 104 11.31 -2.15 -16.51
N TYR B 105 11.40 -1.68 -15.25
CA TYR B 105 12.32 -2.23 -14.24
C TYR B 105 11.77 -1.83 -12.89
N ILE B 106 12.20 -2.48 -11.81
CA ILE B 106 11.62 -2.15 -10.50
C ILE B 106 12.21 -0.83 -10.08
N SER B 107 11.35 0.10 -9.64
CA SER B 107 11.81 1.41 -9.17
C SER B 107 10.88 1.99 -8.12
N TRP B 108 11.40 2.93 -7.33
CA TRP B 108 10.62 3.49 -6.22
C TRP B 108 9.45 4.30 -6.74
N GLU B 109 9.73 5.04 -7.81
CA GLU B 109 8.76 5.92 -8.44
C GLU B 109 7.65 5.03 -8.96
N SER B 110 8.02 3.93 -9.61
CA SER B 110 7.04 2.93 -10.00
C SER B 110 6.13 2.50 -8.85
N PHE B 111 6.77 2.17 -7.71
CA PHE B 111 6.06 1.66 -6.55
C PHE B 111 5.21 2.71 -5.84
N SER B 112 5.71 3.94 -5.77
CA SER B 112 5.02 4.94 -4.95
C SER B 112 3.99 5.83 -5.69
N ASN B 113 4.01 5.82 -7.03
CA ASN B 113 3.21 6.75 -7.79
C ASN B 113 1.94 6.08 -8.26
N VAL B 114 0.86 6.31 -7.53
CA VAL B 114 -0.40 5.62 -7.81
C VAL B 114 -1.17 6.13 -9.04
N SER B 115 -0.67 7.20 -9.67
CA SER B 115 -1.31 7.71 -10.88
C SER B 115 -1.07 6.73 -12.05
N TYR B 116 -0.06 5.87 -11.91
CA TYR B 116 0.24 4.90 -12.93
C TYR B 116 -0.54 3.59 -12.78
N TYR B 117 -0.87 2.97 -13.91
CA TYR B 117 -1.19 1.54 -13.93
C TYR B 117 0.12 0.76 -13.83
N THR B 118 0.04 -0.50 -13.48
CA THR B 118 1.25 -1.29 -13.40
C THR B 118 1.24 -2.12 -14.67
N ARG B 119 2.21 -3.01 -14.84
CA ARG B 119 2.10 -4.04 -15.87
C ARG B 119 2.85 -5.32 -15.51
N ILE B 120 2.37 -6.43 -16.04
CA ILE B 120 2.94 -7.71 -15.68
C ILE B 120 4.13 -8.03 -16.55
N LEU B 121 4.01 -7.77 -17.85
CA LEU B 121 5.18 -7.85 -18.68
C LEU B 121 5.67 -6.44 -18.97
N PRO B 122 7.00 -6.27 -19.09
CA PRO B 122 7.57 -4.99 -19.48
C PRO B 122 7.10 -4.61 -20.86
N SER B 123 7.34 -3.37 -21.26
CA SER B 123 7.01 -2.93 -22.60
C SER B 123 7.89 -3.64 -23.61
N VAL B 124 7.47 -3.59 -24.88
CA VAL B 124 8.29 -3.97 -26.04
C VAL B 124 9.30 -2.82 -26.25
N PRO B 125 10.60 -3.09 -26.08
CA PRO B 125 11.60 -2.01 -26.17
C PRO B 125 11.59 -1.22 -27.50
N ARG B 126 11.81 0.09 -27.41
CA ARG B 126 11.77 1.01 -28.57
C ARG B 126 12.88 0.74 -29.57
N ASP B 127 14.06 0.36 -29.06
CA ASP B 127 15.25 0.06 -29.86
C ASP B 127 15.15 -1.29 -30.59
N CYS B 128 13.95 -1.57 -31.08
CA CYS B 128 13.63 -2.89 -31.58
C CYS B 128 13.15 -2.89 -33.00
N PRO B 129 13.55 -3.93 -33.76
CA PRO B 129 13.33 -4.10 -35.20
C PRO B 129 11.87 -4.01 -35.65
N THR B 130 11.01 -4.81 -35.00
CA THR B 130 9.57 -4.85 -35.28
C THR B 130 8.87 -4.41 -34.03
N PRO B 131 7.75 -3.68 -34.17
CA PRO B 131 7.12 -3.09 -32.99
C PRO B 131 6.62 -4.11 -31.96
N MET B 132 6.57 -5.39 -32.34
CA MET B 132 6.17 -6.47 -31.44
C MET B 132 7.38 -7.23 -30.91
N GLY B 133 8.56 -6.72 -31.26
CA GLY B 133 9.83 -7.20 -30.74
C GLY B 133 10.77 -7.63 -31.84
N THR B 134 10.49 -8.80 -32.41
CA THR B 134 11.40 -9.44 -33.33
C THR B 134 10.64 -10.05 -34.49
N LYS B 135 9.35 -10.29 -34.28
CA LYS B 135 8.60 -11.07 -35.25
C LYS B 135 7.48 -10.27 -35.90
N GLY B 136 7.19 -10.62 -37.16
CA GLY B 136 6.14 -9.96 -37.91
C GLY B 136 6.66 -8.89 -38.85
N LYS B 137 5.72 -8.20 -39.50
CA LYS B 137 6.01 -7.14 -40.46
C LYS B 137 6.46 -5.83 -39.79
N LYS B 138 6.99 -4.91 -40.61
CA LYS B 138 7.59 -3.65 -40.13
C LYS B 138 6.59 -2.72 -39.44
N GLN B 139 5.58 -2.30 -40.21
CA GLN B 139 4.41 -1.55 -39.73
C GLN B 139 3.32 -2.57 -39.46
N LEU B 140 2.71 -2.51 -38.27
CA LEU B 140 1.64 -3.43 -37.83
C LEU B 140 0.30 -3.29 -38.56
N PRO B 141 -0.47 -4.39 -38.58
CA PRO B 141 -1.85 -4.45 -39.07
C PRO B 141 -2.71 -3.27 -38.68
N ASP B 142 -3.50 -2.79 -39.64
CA ASP B 142 -4.31 -1.60 -39.47
C ASP B 142 -5.38 -1.80 -38.41
N ALA B 143 -5.44 -0.90 -37.44
CA ALA B 143 -6.37 -1.08 -36.32
C ALA B 143 -7.83 -1.15 -36.77
N GLU B 144 -8.19 -0.28 -37.71
CA GLU B 144 -9.56 -0.13 -38.15
C GLU B 144 -10.07 -1.32 -38.96
N PHE B 145 -9.23 -1.83 -39.86
CA PHE B 145 -9.64 -2.96 -40.70
C PHE B 145 -9.76 -4.23 -39.87
N LEU B 146 -8.88 -4.34 -38.88
CA LEU B 146 -8.84 -5.45 -37.96
C LEU B 146 -10.14 -5.60 -37.18
N SER B 147 -10.70 -4.46 -36.80
CA SER B 147 -11.94 -4.44 -36.04
C SER B 147 -13.12 -4.72 -36.96
N ARG B 148 -13.02 -4.20 -38.19
CA ARG B 148 -14.03 -4.45 -39.23
C ARG B 148 -14.10 -5.95 -39.63
N ARG B 149 -13.03 -6.46 -40.23
CA ARG B 149 -12.91 -7.87 -40.63
C ARG B 149 -13.12 -8.92 -39.51
N PHE B 150 -12.84 -8.57 -38.25
CA PHE B 150 -12.79 -9.58 -37.18
C PHE B 150 -13.64 -9.34 -35.94
N LEU B 151 -13.89 -8.09 -35.58
CA LEU B 151 -14.66 -7.81 -34.35
C LEU B 151 -16.06 -7.22 -34.59
N LEU B 152 -16.22 -6.52 -35.70
CA LEU B 152 -17.53 -6.05 -36.12
C LEU B 152 -18.55 -7.19 -36.28
N ARG B 153 -19.58 -7.14 -35.45
CA ARG B 153 -20.69 -8.06 -35.51
C ARG B 153 -21.26 -8.02 -36.89
N ARG B 154 -21.51 -9.19 -37.47
CA ARG B 154 -22.40 -9.29 -38.62
C ARG B 154 -23.80 -9.48 -38.02
N LYS B 155 -24.18 -10.73 -37.72
CA LYS B 155 -25.40 -11.01 -36.94
C LYS B 155 -25.02 -11.12 -35.46
N PHE B 156 -26.04 -11.09 -34.59
CA PHE B 156 -25.89 -11.08 -33.12
C PHE B 156 -25.72 -12.47 -32.52
N ILE B 157 -24.72 -12.63 -31.64
CA ILE B 157 -24.49 -13.94 -30.99
C ILE B 157 -24.72 -13.86 -29.49
N PRO B 158 -25.88 -14.37 -29.02
CA PRO B 158 -26.11 -14.37 -27.57
C PRO B 158 -25.08 -15.26 -26.88
N ASP B 159 -24.71 -14.88 -25.67
CA ASP B 159 -23.81 -15.68 -24.88
C ASP B 159 -24.46 -17.04 -24.66
N PRO B 160 -23.72 -18.13 -24.99
CA PRO B 160 -24.27 -19.48 -24.87
C PRO B 160 -24.54 -19.85 -23.41
N GLN B 161 -23.95 -19.09 -22.47
CA GLN B 161 -24.06 -19.30 -21.02
C GLN B 161 -25.26 -18.53 -20.42
N GLY B 162 -26.04 -17.89 -21.26
CA GLY B 162 -27.27 -17.22 -20.82
C GLY B 162 -27.12 -15.93 -20.02
N THR B 163 -25.91 -15.39 -19.98
CA THR B 163 -25.62 -14.10 -19.36
C THR B 163 -26.56 -13.00 -19.84
N ASN B 164 -27.07 -12.18 -18.94
CA ASN B 164 -28.01 -11.13 -19.34
C ASN B 164 -27.38 -9.74 -19.29
N LEU B 165 -28.15 -8.71 -19.61
CA LEU B 165 -27.57 -7.37 -19.63
C LEU B 165 -27.49 -6.85 -18.21
N MET B 166 -28.27 -7.45 -17.31
CA MET B 166 -28.11 -7.13 -15.90
C MET B 166 -26.64 -7.33 -15.53
N PHE B 167 -26.10 -8.50 -15.88
CA PHE B 167 -24.71 -8.76 -15.71
C PHE B 167 -23.85 -7.69 -16.44
N ALA B 168 -24.12 -7.50 -17.74
CA ALA B 168 -23.28 -6.65 -18.59
C ALA B 168 -23.07 -5.29 -17.99
N PHE B 169 -24.17 -4.67 -17.56
CA PHE B 169 -24.12 -3.33 -16.98
C PHE B 169 -23.41 -3.32 -15.64
N PHE B 170 -23.54 -4.43 -14.93
CA PHE B 170 -22.95 -4.54 -13.61
C PHE B 170 -21.46 -4.60 -13.77
N ALA B 171 -21.02 -5.29 -14.82
CA ALA B 171 -19.60 -5.36 -15.12
C ALA B 171 -19.11 -3.97 -15.41
N GLN B 172 -19.81 -3.31 -16.35
CA GLN B 172 -19.42 -1.97 -16.79
C GLN B 172 -19.34 -1.02 -15.61
N HIS B 173 -20.37 -1.07 -14.78
CA HIS B 173 -20.49 -0.23 -13.63
C HIS B 173 -19.33 -0.55 -12.72
N PHE B 174 -19.39 -1.74 -12.11
CA PHE B 174 -18.32 -2.29 -11.27
C PHE B 174 -16.91 -1.88 -11.70
N THR B 175 -16.55 -2.14 -12.95
CA THR B 175 -15.17 -1.94 -13.40
C THR B 175 -14.77 -0.46 -13.49
N HIS B 176 -15.73 0.38 -13.87
CA HIS B 176 -15.42 1.78 -14.11
C HIS B 176 -15.18 2.50 -12.80
N GLN B 177 -15.01 1.71 -11.73
CA GLN B 177 -14.47 2.23 -10.48
C GLN B 177 -12.93 2.10 -10.40
N PHE B 178 -12.34 1.09 -11.07
CA PHE B 178 -10.89 0.92 -11.04
C PHE B 178 -10.16 1.19 -12.37
N PHE B 179 -10.91 1.20 -13.48
CA PHE B 179 -10.42 1.69 -14.75
C PHE B 179 -10.91 3.10 -14.98
N LYS B 180 -10.07 4.12 -14.82
CA LYS B 180 -10.46 5.49 -15.29
C LYS B 180 -9.22 6.18 -15.83
N THR B 181 -8.93 5.95 -17.09
CA THR B 181 -7.66 6.39 -17.66
C THR B 181 -7.66 7.91 -17.70
N SER B 182 -6.51 8.51 -17.38
CA SER B 182 -6.41 9.98 -17.40
C SER B 182 -6.37 10.62 -18.78
N GLY B 183 -7.37 11.45 -19.02
CA GLY B 183 -7.47 12.25 -20.23
C GLY B 183 -6.22 13.09 -20.38
N LYS B 184 -5.87 13.84 -19.33
CA LYS B 184 -4.76 14.82 -19.39
C LYS B 184 -3.35 14.25 -19.24
N MET B 185 -3.22 13.17 -18.49
CA MET B 185 -1.91 12.54 -18.34
C MET B 185 -1.71 11.52 -19.46
N GLY B 186 -2.83 11.02 -19.98
CA GLY B 186 -2.78 10.20 -21.17
C GLY B 186 -2.64 8.75 -20.84
N PRO B 187 -2.34 7.93 -21.86
CA PRO B 187 -2.34 6.46 -21.70
C PRO B 187 -1.43 6.03 -20.58
N GLY B 188 -1.82 4.95 -19.88
CA GLY B 188 -0.98 4.31 -18.87
C GLY B 188 -1.19 4.89 -17.48
N PHE B 189 -1.87 6.05 -17.43
CA PHE B 189 -2.18 6.76 -16.19
C PHE B 189 -3.65 6.61 -15.85
N THR B 190 -4.00 6.87 -14.60
CA THR B 190 -5.32 6.56 -14.07
C THR B 190 -5.82 7.53 -12.98
N LYS B 191 -7.13 7.82 -12.99
CA LYS B 191 -7.76 8.69 -11.98
C LYS B 191 -8.11 7.87 -10.73
N ALA B 192 -8.35 6.58 -10.95
CA ALA B 192 -8.93 5.68 -9.94
C ALA B 192 -7.86 5.15 -9.00
N LEU B 193 -7.45 5.99 -8.05
CA LEU B 193 -6.25 5.72 -7.24
C LEU B 193 -6.56 4.74 -6.11
N GLY B 194 -7.82 4.35 -5.99
CA GLY B 194 -8.21 3.34 -5.04
C GLY B 194 -7.66 2.04 -5.59
N HIS B 195 -7.66 1.94 -6.92
CA HIS B 195 -7.09 0.80 -7.63
C HIS B 195 -7.79 -0.51 -7.34
N GLY B 196 -9.03 -0.45 -6.89
CA GLY B 196 -9.79 -1.63 -6.74
C GLY B 196 -11.19 -1.33 -6.32
N VAL B 197 -11.67 -2.08 -5.35
CA VAL B 197 -13.02 -1.96 -4.89
C VAL B 197 -13.01 -0.98 -3.76
N ASP B 198 -12.88 0.32 -4.09
CA ASP B 198 -13.02 1.39 -3.08
C ASP B 198 -14.42 1.98 -3.13
N LEU B 199 -15.16 1.59 -4.17
CA LEU B 199 -16.47 2.18 -4.52
C LEU B 199 -16.43 3.66 -4.90
N GLY B 200 -15.31 4.10 -5.46
CA GLY B 200 -15.12 5.47 -5.96
C GLY B 200 -15.98 5.85 -7.16
N HIS B 201 -16.82 4.92 -7.57
CA HIS B 201 -17.79 5.21 -8.59
C HIS B 201 -19.10 5.55 -7.93
N ILE B 202 -19.09 5.57 -6.60
CA ILE B 202 -20.27 5.97 -5.82
C ILE B 202 -19.95 7.23 -5.01
N TYR B 203 -18.82 7.21 -4.32
CA TYR B 203 -18.40 8.32 -3.50
C TYR B 203 -17.37 9.16 -4.20
N GLY B 204 -17.13 8.90 -5.47
CA GLY B 204 -16.19 9.71 -6.23
C GLY B 204 -14.76 9.31 -6.01
N ASP B 205 -13.85 9.82 -6.84
CA ASP B 205 -12.44 9.41 -6.73
C ASP B 205 -11.68 10.35 -5.81
N ASN B 206 -12.36 11.37 -5.29
CA ASN B 206 -11.68 12.33 -4.42
C ASN B 206 -12.58 12.81 -3.30
N LEU B 207 -11.93 13.22 -2.21
CA LEU B 207 -12.59 13.64 -0.98
C LEU B 207 -13.55 14.80 -1.19
N GLU B 208 -13.03 15.83 -1.89
CA GLU B 208 -13.71 17.10 -2.11
C GLU B 208 -15.06 16.87 -2.78
N ARG B 209 -15.02 16.06 -3.83
CA ARG B 209 -16.21 15.64 -4.57
C ARG B 209 -17.04 14.69 -3.70
N GLN B 210 -16.37 13.73 -3.04
CA GLN B 210 -17.06 12.91 -2.10
C GLN B 210 -17.92 13.82 -1.22
N TYR B 211 -17.28 14.81 -0.62
CA TYR B 211 -17.93 15.72 0.31
C TYR B 211 -19.17 16.39 -0.30
N GLN B 212 -19.07 16.68 -1.58
CA GLN B 212 -20.13 17.39 -2.29
C GLN B 212 -21.39 16.54 -2.43
N LEU B 213 -21.23 15.23 -2.44
CA LEU B 213 -22.31 14.28 -2.69
C LEU B 213 -23.01 13.88 -1.40
N ARG B 214 -22.28 14.05 -0.30
CA ARG B 214 -22.74 13.68 1.02
C ARG B 214 -23.76 14.69 1.56
N LEU B 215 -24.84 14.15 2.14
CA LEU B 215 -25.75 14.98 2.90
C LEU B 215 -25.03 15.68 4.07
N PHE B 216 -24.20 14.90 4.78
CA PHE B 216 -23.60 15.28 6.07
C PHE B 216 -24.58 15.25 7.26
N LYS B 217 -25.78 14.72 7.01
CA LYS B 217 -26.68 14.30 8.08
C LYS B 217 -26.84 12.80 7.96
N ASP B 218 -26.66 12.11 9.09
CA ASP B 218 -26.97 10.68 9.23
C ASP B 218 -26.10 9.72 8.42
N GLY B 219 -24.95 10.21 7.93
CA GLY B 219 -24.01 9.37 7.16
C GLY B 219 -24.42 9.19 5.72
N LYS B 220 -25.55 9.78 5.37
CA LYS B 220 -26.23 9.57 4.09
C LYS B 220 -25.60 10.27 2.91
N LEU B 221 -25.96 9.78 1.72
CA LEU B 221 -25.69 10.49 0.48
C LEU B 221 -26.87 11.42 0.12
N LYS B 222 -26.60 12.50 -0.60
CA LYS B 222 -27.65 13.36 -1.11
C LYS B 222 -28.55 12.56 -2.06
N TYR B 223 -29.81 12.94 -2.13
CA TYR B 223 -30.74 12.24 -2.99
C TYR B 223 -31.95 13.13 -3.36
N GLN B 224 -32.65 12.78 -4.45
CA GLN B 224 -33.83 13.51 -4.84
C GLN B 224 -35.01 12.56 -5.02
N MET B 225 -36.12 12.90 -4.37
CA MET B 225 -37.38 12.16 -4.54
C MET B 225 -37.99 12.51 -5.87
N LEU B 226 -38.38 11.48 -6.62
CA LEU B 226 -39.08 11.64 -7.89
C LEU B 226 -40.08 10.52 -8.09
N ASN B 227 -41.35 10.90 -8.32
CA ASN B 227 -42.48 9.96 -8.41
C ASN B 227 -42.60 9.07 -7.17
N GLY B 228 -42.11 9.53 -6.03
CA GLY B 228 -42.06 8.74 -4.79
C GLY B 228 -40.82 7.88 -4.59
N GLU B 229 -39.92 7.90 -5.57
CA GLU B 229 -38.72 7.06 -5.54
C GLU B 229 -37.43 7.86 -5.38
N VAL B 230 -36.45 7.24 -4.72
CA VAL B 230 -35.18 7.88 -4.41
C VAL B 230 -34.20 7.79 -5.59
N TYR B 231 -33.58 8.93 -5.94
CA TYR B 231 -32.59 8.98 -7.02
C TYR B 231 -31.36 9.82 -6.72
N PRO B 232 -30.25 9.63 -7.47
CA PRO B 232 -29.15 10.53 -7.19
C PRO B 232 -29.55 11.97 -7.53
N PRO B 233 -29.12 12.94 -6.73
CA PRO B 233 -29.60 14.30 -6.89
C PRO B 233 -29.10 14.93 -8.19
N SER B 234 -29.57 16.15 -8.47
CA SER B 234 -29.10 16.94 -9.63
C SER B 234 -27.76 17.62 -9.35
N VAL B 235 -27.00 17.89 -10.41
CA VAL B 235 -25.76 18.70 -10.32
C VAL B 235 -25.99 20.10 -9.69
N GLU B 236 -27.22 20.62 -9.75
CA GLU B 236 -27.50 21.88 -9.08
C GLU B 236 -27.54 21.68 -7.57
N GLU B 237 -28.16 20.58 -7.13
CA GLU B 237 -28.21 20.27 -5.71
C GLU B 237 -26.85 19.77 -5.18
N ALA B 238 -26.12 19.01 -6.00
CA ALA B 238 -24.79 18.48 -5.63
C ALA B 238 -23.79 18.68 -6.75
N PRO B 239 -23.11 19.83 -6.75
CA PRO B 239 -22.35 20.34 -7.89
C PRO B 239 -21.00 19.69 -8.10
N VAL B 240 -20.94 18.62 -8.90
CA VAL B 240 -19.65 17.99 -9.24
C VAL B 240 -19.49 17.83 -10.75
N LEU B 241 -18.25 17.89 -11.23
CA LEU B 241 -17.97 17.70 -12.65
C LEU B 241 -18.51 16.36 -13.18
N MET B 242 -19.57 16.44 -14.02
CA MET B 242 -20.22 15.29 -14.71
C MET B 242 -20.15 15.46 -16.23
N HIS B 243 -19.85 14.36 -16.93
CA HIS B 243 -19.54 14.41 -18.36
C HIS B 243 -20.74 14.32 -19.30
N TYR B 244 -21.87 14.87 -18.87
CA TYR B 244 -23.02 15.04 -19.76
C TYR B 244 -22.65 15.91 -20.97
N PRO B 245 -23.41 15.80 -22.08
CA PRO B 245 -23.24 16.76 -23.21
C PRO B 245 -23.50 18.22 -22.81
N ARG B 246 -23.04 19.17 -23.62
CA ARG B 246 -23.25 20.57 -23.27
C ARG B 246 -24.66 20.98 -23.68
N GLY B 247 -25.22 21.92 -22.93
CA GLY B 247 -26.59 22.37 -23.13
C GLY B 247 -27.55 21.57 -22.27
N ILE B 248 -27.17 20.33 -21.99
CA ILE B 248 -27.94 19.50 -21.10
C ILE B 248 -28.04 20.22 -19.76
N PRO B 249 -29.29 20.34 -19.23
CA PRO B 249 -29.58 20.90 -17.89
C PRO B 249 -28.72 20.31 -16.74
N PRO B 250 -27.89 21.15 -16.06
CA PRO B 250 -27.32 20.67 -14.78
C PRO B 250 -28.47 20.29 -13.85
N GLN B 251 -29.67 20.76 -14.21
CA GLN B 251 -30.92 20.43 -13.53
C GLN B 251 -31.51 19.07 -13.96
N SER B 252 -30.88 18.46 -14.96
CA SER B 252 -31.31 17.17 -15.48
C SER B 252 -30.19 16.18 -15.19
N GLN B 253 -28.96 16.71 -15.25
CA GLN B 253 -27.75 15.96 -14.95
C GLN B 253 -27.88 15.29 -13.57
N MET B 254 -27.65 13.99 -13.45
CA MET B 254 -27.60 13.39 -12.11
C MET B 254 -26.17 13.31 -11.58
N ALA B 255 -26.02 13.38 -10.26
CA ALA B 255 -24.68 13.36 -9.64
C ALA B 255 -24.35 12.06 -8.89
N VAL B 256 -23.38 11.34 -9.43
CA VAL B 256 -22.87 10.13 -8.83
C VAL B 256 -21.37 10.23 -8.77
N GLY B 257 -20.72 9.16 -8.34
CA GLY B 257 -19.28 9.20 -8.13
C GLY B 257 -18.50 9.15 -9.41
N GLN B 258 -19.06 8.49 -10.42
CA GLN B 258 -18.34 8.32 -11.65
C GLN B 258 -18.90 9.27 -12.71
N GLU B 259 -18.01 10.11 -13.21
CA GLU B 259 -18.34 11.25 -14.08
C GLU B 259 -19.09 10.84 -15.34
N VAL B 260 -18.87 9.61 -15.82
CA VAL B 260 -19.44 9.20 -17.11
C VAL B 260 -20.79 8.47 -17.01
N PHE B 261 -21.17 8.08 -15.80
CA PHE B 261 -22.39 7.31 -15.55
C PHE B 261 -23.68 7.96 -16.08
N GLY B 262 -23.66 9.28 -16.24
CA GLY B 262 -24.82 10.01 -16.77
C GLY B 262 -25.12 9.70 -18.22
N LEU B 263 -24.25 8.93 -18.83
CA LEU B 263 -24.26 8.74 -20.27
C LEU B 263 -25.06 7.53 -20.67
N LEU B 264 -25.11 6.51 -19.82
CA LEU B 264 -25.97 5.35 -20.06
C LEU B 264 -26.85 5.12 -18.86
N PRO B 265 -28.16 4.92 -19.08
CA PRO B 265 -29.08 4.53 -18.00
C PRO B 265 -28.62 3.23 -17.33
N GLY B 266 -27.95 2.35 -18.07
CA GLY B 266 -27.41 1.12 -17.48
C GLY B 266 -26.62 1.44 -16.22
N LEU B 267 -25.74 2.42 -16.36
CA LEU B 267 -24.83 2.82 -15.33
C LEU B 267 -25.60 3.59 -14.28
N MET B 268 -26.37 4.57 -14.74
CA MET B 268 -27.19 5.38 -13.85
C MET B 268 -28.15 4.54 -12.98
N LEU B 269 -28.62 3.42 -13.55
CA LEU B 269 -29.43 2.47 -12.78
C LEU B 269 -28.66 1.97 -11.57
N TYR B 270 -27.47 1.42 -11.80
CA TYR B 270 -26.68 0.87 -10.68
C TYR B 270 -26.22 1.93 -9.69
N ALA B 271 -25.86 3.11 -10.19
CA ALA B 271 -25.56 4.22 -9.32
C ALA B 271 -26.75 4.51 -8.39
N THR B 272 -27.97 4.45 -8.95
CA THR B 272 -29.22 4.56 -8.17
C THR B 272 -29.27 3.49 -7.12
N ILE B 273 -29.17 2.25 -7.56
CA ILE B 273 -29.34 1.14 -6.64
C ILE B 273 -28.34 1.20 -5.50
N TRP B 274 -27.06 1.36 -5.82
CA TRP B 274 -26.04 1.46 -4.78
C TRP B 274 -26.27 2.63 -3.82
N LEU B 275 -26.74 3.75 -4.35
CA LEU B 275 -27.10 4.89 -3.49
C LEU B 275 -28.19 4.53 -2.46
N ARG B 276 -29.32 3.97 -2.90
CA ARG B 276 -30.35 3.48 -1.98
C ARG B 276 -29.77 2.53 -0.94
N GLU B 277 -28.98 1.58 -1.41
CA GLU B 277 -28.28 0.69 -0.51
C GLU B 277 -27.56 1.49 0.57
N HIS B 278 -26.74 2.45 0.16
CA HIS B 278 -25.94 3.17 1.10
C HIS B 278 -26.81 3.85 2.14
N ASN B 279 -27.71 4.73 1.70
CA ASN B 279 -28.69 5.30 2.61
C ASN B 279 -29.42 4.22 3.43
N ARG B 280 -29.89 3.13 2.80
CA ARG B 280 -30.58 2.05 3.52
C ARG B 280 -29.74 1.48 4.68
N VAL B 281 -28.48 1.15 4.40
CA VAL B 281 -27.50 0.70 5.42
C VAL B 281 -27.29 1.73 6.57
N CYS B 282 -27.26 3.03 6.24
CA CYS B 282 -27.19 4.07 7.27
C CYS B 282 -28.37 4.01 8.24
N ASP B 283 -29.59 3.90 7.68
CA ASP B 283 -30.80 3.76 8.48
C ASP B 283 -30.61 2.63 9.53
N LEU B 284 -30.25 1.43 9.06
CA LEU B 284 -30.04 0.30 9.95
C LEU B 284 -29.03 0.59 11.07
N LEU B 285 -27.85 1.06 10.67
CA LEU B 285 -26.77 1.40 11.58
C LEU B 285 -27.12 2.40 12.67
N LYS B 286 -27.89 3.45 12.32
CA LYS B 286 -28.30 4.51 13.28
C LYS B 286 -29.23 4.00 14.38
N ALA B 287 -29.84 2.83 14.18
CA ALA B 287 -30.73 2.21 15.18
C ALA B 287 -29.92 1.62 16.36
N GLU B 288 -28.78 1.02 16.03
CA GLU B 288 -27.90 0.37 16.99
C GLU B 288 -26.87 1.33 17.56
N HIS B 289 -26.58 2.39 16.81
CA HIS B 289 -25.53 3.36 17.19
C HIS B 289 -26.00 4.81 17.15
N PRO B 290 -26.98 5.19 18.01
CA PRO B 290 -27.46 6.57 18.05
C PRO B 290 -26.42 7.61 18.50
N THR B 291 -25.36 7.17 19.17
CA THR B 291 -24.39 8.10 19.75
C THR B 291 -23.33 8.55 18.73
N TRP B 292 -23.31 7.80 17.63
CA TRP B 292 -22.39 7.99 16.50
C TRP B 292 -22.65 9.27 15.74
N GLY B 293 -21.56 9.97 15.42
CA GLY B 293 -21.62 11.22 14.66
C GLY B 293 -21.98 10.87 13.23
N ASP B 294 -22.02 11.89 12.38
CA ASP B 294 -22.25 11.64 10.97
C ASP B 294 -21.10 10.90 10.28
N GLU B 295 -19.86 11.13 10.71
CA GLU B 295 -18.74 10.64 9.92
C GLU B 295 -18.62 9.14 10.03
N GLN B 296 -18.66 8.64 11.27
CA GLN B 296 -18.61 7.18 11.50
C GLN B 296 -19.79 6.39 10.89
N LEU B 297 -20.87 7.07 10.54
CA LEU B 297 -21.95 6.39 9.84
C LEU B 297 -21.64 6.22 8.37
N PHE B 298 -21.03 7.23 7.75
CA PHE B 298 -20.77 7.19 6.34
C PHE B 298 -19.70 6.16 6.12
N GLN B 299 -18.60 6.35 6.81
CA GLN B 299 -17.45 5.52 6.60
C GLN B 299 -17.79 4.03 6.85
N THR B 300 -18.64 3.75 7.84
CA THR B 300 -19.06 2.36 8.09
C THR B 300 -19.93 1.84 6.96
N ALA B 301 -20.85 2.68 6.50
CA ALA B 301 -21.74 2.30 5.41
C ALA B 301 -20.90 1.88 4.22
N ARG B 302 -19.82 2.61 3.98
CA ARG B 302 -18.97 2.36 2.82
C ARG B 302 -18.30 0.99 2.91
N LEU B 303 -17.80 0.66 4.10
CA LEU B 303 -17.21 -0.67 4.31
C LEU B 303 -18.22 -1.75 3.98
N ILE B 304 -19.40 -1.64 4.57
CA ILE B 304 -20.43 -2.64 4.33
C ILE B 304 -20.67 -2.74 2.85
N LEU B 305 -20.66 -1.60 2.18
CA LEU B 305 -20.98 -1.60 0.77
C LEU B 305 -19.84 -2.18 -0.02
N ILE B 306 -18.61 -1.94 0.43
CA ILE B 306 -17.43 -2.53 -0.19
C ILE B 306 -17.49 -4.02 0.05
N GLY B 307 -17.87 -4.36 1.28
CA GLY B 307 -18.05 -5.74 1.60
C GLY B 307 -19.12 -6.40 0.78
N GLU B 308 -20.27 -5.75 0.64
CA GLU B 308 -21.36 -6.35 -0.10
C GLU B 308 -20.93 -6.59 -1.53
N THR B 309 -20.40 -5.53 -2.16
CA THR B 309 -19.87 -5.61 -3.53
C THR B 309 -18.96 -6.82 -3.77
N ILE B 310 -17.96 -7.02 -2.92
CA ILE B 310 -17.07 -8.19 -3.11
C ILE B 310 -17.79 -9.55 -2.92
N LYS B 311 -18.74 -9.60 -2.00
CA LYS B 311 -19.47 -10.84 -1.76
C LYS B 311 -20.23 -11.25 -3.02
N ILE B 312 -20.93 -10.30 -3.65
CA ILE B 312 -21.73 -10.59 -4.85
C ILE B 312 -20.90 -10.94 -6.08
N VAL B 313 -20.02 -10.03 -6.46
CA VAL B 313 -19.11 -10.25 -7.56
C VAL B 313 -18.47 -11.63 -7.46
N ILE B 314 -18.06 -12.04 -6.27
CA ILE B 314 -17.45 -13.37 -6.11
C ILE B 314 -18.43 -14.50 -6.16
N GLU B 315 -19.53 -14.40 -5.42
CA GLU B 315 -20.41 -15.56 -5.31
C GLU B 315 -21.46 -15.63 -6.40
N GLU B 316 -21.58 -14.56 -7.19
CA GLU B 316 -22.58 -14.52 -8.27
C GLU B 316 -22.08 -14.11 -9.64
N TYR B 317 -21.29 -13.05 -9.70
CA TYR B 317 -20.78 -12.53 -10.95
C TYR B 317 -19.75 -13.47 -11.52
N VAL B 318 -18.76 -13.85 -10.72
CA VAL B 318 -17.75 -14.75 -11.21
C VAL B 318 -18.36 -16.14 -11.41
N GLN B 319 -19.33 -16.51 -10.57
CA GLN B 319 -20.02 -17.80 -10.73
C GLN B 319 -20.61 -17.86 -12.13
N GLN B 320 -21.42 -16.87 -12.49
CA GLN B 320 -22.11 -16.84 -13.79
C GLN B 320 -21.15 -17.05 -14.92
N LEU B 321 -20.06 -16.29 -14.84
CA LEU B 321 -19.02 -16.27 -15.84
C LEU B 321 -18.32 -17.62 -15.93
N SER B 322 -17.92 -18.17 -14.77
CA SER B 322 -17.22 -19.47 -14.70
C SER B 322 -18.06 -20.66 -15.12
N GLY B 323 -19.35 -20.61 -14.78
CA GLY B 323 -20.24 -21.75 -14.92
C GLY B 323 -19.86 -22.92 -14.05
N TYR B 324 -18.95 -22.71 -13.08
CA TYR B 324 -18.42 -23.82 -12.26
C TYR B 324 -19.50 -24.46 -11.41
N PHE B 325 -19.44 -25.78 -11.25
CA PHE B 325 -20.41 -26.46 -10.41
C PHE B 325 -20.04 -26.32 -8.96
N LEU B 326 -18.75 -26.23 -8.69
CA LEU B 326 -18.27 -25.80 -7.40
C LEU B 326 -18.80 -24.40 -7.17
N GLN B 327 -19.49 -24.22 -6.04
CA GLN B 327 -20.01 -22.91 -5.70
C GLN B 327 -18.86 -22.14 -5.11
N LEU B 328 -18.63 -20.96 -5.64
CA LEU B 328 -17.54 -20.15 -5.16
C LEU B 328 -17.98 -19.56 -3.83
N LYS B 329 -17.05 -19.00 -3.07
CA LYS B 329 -17.33 -18.56 -1.70
C LYS B 329 -16.46 -17.38 -1.29
N PHE B 330 -17.08 -16.31 -0.83
CA PHE B 330 -16.32 -15.19 -0.30
C PHE B 330 -16.11 -15.35 1.20
N ASP B 331 -14.84 -15.49 1.57
CA ASP B 331 -14.49 -15.68 2.98
C ASP B 331 -13.00 -15.42 3.22
N PRO B 332 -12.67 -14.16 3.57
CA PRO B 332 -11.26 -13.84 3.66
C PRO B 332 -10.51 -14.78 4.59
N GLU B 333 -11.24 -15.49 5.45
CA GLU B 333 -10.61 -16.38 6.43
C GLU B 333 -9.85 -17.53 5.77
N LEU B 334 -10.24 -17.85 4.54
CA LEU B 334 -9.54 -18.87 3.76
C LEU B 334 -8.11 -18.46 3.52
N LEU B 335 -7.90 -17.14 3.41
CA LEU B 335 -6.62 -16.60 3.03
C LEU B 335 -5.69 -16.34 4.20
N PHE B 336 -6.17 -16.50 5.44
CA PHE B 336 -5.28 -16.29 6.59
C PHE B 336 -4.24 -17.42 6.66
N GLY B 337 -4.46 -18.49 5.89
CA GLY B 337 -3.53 -19.61 5.81
C GLY B 337 -2.12 -19.23 5.32
N ALA B 338 -2.05 -18.43 4.25
CA ALA B 338 -0.77 -18.26 3.55
C ALA B 338 -0.39 -16.81 3.25
N GLN B 339 0.82 -16.64 2.74
CA GLN B 339 1.45 -15.36 2.45
C GLN B 339 0.69 -14.56 1.37
N PHE B 340 0.04 -13.49 1.80
CA PHE B 340 -0.83 -12.79 0.90
C PHE B 340 -0.75 -11.30 1.12
N GLN B 341 -0.79 -10.57 0.01
CA GLN B 341 -0.71 -9.12 0.05
C GLN B 341 -2.09 -8.57 -0.12
N TYR B 342 -2.56 -7.84 0.90
CA TYR B 342 -3.83 -7.11 0.86
C TYR B 342 -3.59 -5.69 0.32
N ARG B 343 -3.10 -5.67 -0.92
CA ARG B 343 -2.68 -4.49 -1.63
C ARG B 343 -2.98 -4.81 -3.10
N ASN B 344 -3.56 -3.87 -3.86
CA ASN B 344 -3.74 -4.05 -5.32
C ASN B 344 -3.43 -2.82 -6.18
N ARG B 345 -2.79 -3.10 -7.31
CA ARG B 345 -2.46 -2.14 -8.35
C ARG B 345 -2.99 -2.64 -9.71
N ILE B 346 -3.75 -1.78 -10.36
CA ILE B 346 -4.38 -2.12 -11.62
C ILE B 346 -3.40 -2.11 -12.79
N ALA B 347 -3.35 -3.23 -13.51
CA ALA B 347 -2.48 -3.35 -14.65
C ALA B 347 -3.19 -2.85 -15.88
N MET B 348 -2.41 -2.31 -16.81
CA MET B 348 -2.90 -1.89 -18.09
C MET B 348 -3.44 -3.08 -18.85
N GLU B 349 -2.82 -4.23 -18.62
CA GLU B 349 -3.29 -5.47 -19.23
C GLU B 349 -4.73 -5.80 -18.82
N PHE B 350 -5.06 -5.48 -17.58
CA PHE B 350 -6.36 -5.83 -17.02
C PHE B 350 -7.36 -4.96 -17.69
N ASN B 351 -7.01 -3.70 -17.80
CA ASN B 351 -7.77 -2.76 -18.56
C ASN B 351 -8.09 -3.35 -19.91
N GLN B 352 -7.07 -3.55 -20.74
CA GLN B 352 -7.29 -4.01 -22.10
C GLN B 352 -8.26 -5.18 -22.15
N LEU B 353 -8.02 -6.18 -21.31
CA LEU B 353 -8.81 -7.41 -21.31
C LEU B 353 -10.27 -7.23 -20.85
N TYR B 354 -10.55 -6.12 -20.17
CA TYR B 354 -11.89 -5.96 -19.63
C TYR B 354 -12.81 -5.17 -20.55
N HIS B 355 -12.28 -4.72 -21.70
CA HIS B 355 -13.10 -4.05 -22.70
C HIS B 355 -14.06 -5.09 -23.31
N TRP B 356 -15.13 -5.38 -22.56
CA TRP B 356 -16.11 -6.45 -22.86
C TRP B 356 -17.30 -6.00 -23.71
N HIS B 357 -17.06 -5.00 -24.53
CA HIS B 357 -18.11 -4.45 -25.35
C HIS B 357 -19.00 -5.43 -26.13
N PRO B 358 -18.47 -6.61 -26.58
CA PRO B 358 -19.33 -7.57 -27.27
C PRO B 358 -20.63 -7.85 -26.57
N LEU B 359 -20.62 -7.82 -25.23
CA LEU B 359 -21.83 -8.15 -24.48
C LEU B 359 -23.03 -7.30 -24.91
N MET B 360 -22.74 -6.11 -25.42
CA MET B 360 -23.75 -5.12 -25.74
C MET B 360 -24.56 -5.49 -26.98
N PRO B 361 -25.90 -5.55 -26.83
CA PRO B 361 -26.89 -6.04 -27.78
C PRO B 361 -27.03 -5.18 -29.03
N ASP B 362 -27.81 -5.66 -30.00
CA ASP B 362 -28.22 -4.83 -31.14
C ASP B 362 -29.11 -3.66 -30.73
N SER B 363 -29.94 -3.88 -29.71
CA SER B 363 -30.83 -2.84 -29.19
C SER B 363 -31.24 -3.26 -27.81
N PHE B 364 -32.00 -2.40 -27.13
CA PHE B 364 -32.34 -2.59 -25.74
C PHE B 364 -33.83 -2.70 -25.55
N ARG B 365 -34.26 -3.86 -25.05
CA ARG B 365 -35.69 -4.22 -24.98
C ARG B 365 -36.22 -3.99 -23.58
N VAL B 366 -37.27 -3.17 -23.46
CA VAL B 366 -37.88 -2.85 -22.16
C VAL B 366 -39.36 -3.31 -22.09
N GLY B 367 -39.55 -4.63 -22.15
CA GLY B 367 -40.89 -5.20 -22.32
C GLY B 367 -41.34 -4.98 -23.76
N PRO B 368 -42.34 -4.10 -23.96
CA PRO B 368 -42.86 -3.94 -25.33
C PRO B 368 -42.01 -3.08 -26.28
N GLN B 369 -41.18 -2.21 -25.70
CA GLN B 369 -40.44 -1.17 -26.43
C GLN B 369 -39.14 -1.74 -26.95
N ASP B 370 -38.58 -1.13 -27.99
CA ASP B 370 -37.30 -1.58 -28.55
C ASP B 370 -36.32 -0.44 -28.88
N TYR B 371 -35.82 0.20 -27.83
CA TYR B 371 -34.92 1.36 -27.92
C TYR B 371 -33.58 1.08 -28.58
N SER B 372 -33.29 1.82 -29.65
CA SER B 372 -32.03 1.71 -30.37
C SER B 372 -30.87 2.32 -29.57
N TYR B 373 -29.64 2.16 -30.07
CA TYR B 373 -28.48 2.85 -29.50
C TYR B 373 -28.63 4.39 -29.36
N GLU B 374 -29.13 5.06 -30.39
CA GLU B 374 -29.26 6.52 -30.35
C GLU B 374 -30.30 6.96 -29.31
N GLN B 375 -31.43 6.25 -29.31
CA GLN B 375 -32.49 6.41 -28.32
C GLN B 375 -32.02 6.15 -26.89
N PHE B 376 -31.09 5.22 -26.73
CA PHE B 376 -30.71 4.72 -25.39
C PHE B 376 -29.60 5.57 -24.82
N LEU B 377 -28.55 5.73 -25.62
CA LEU B 377 -27.37 6.50 -25.23
C LEU B 377 -27.69 7.95 -24.90
N PHE B 378 -27.13 8.41 -23.78
CA PHE B 378 -27.35 9.76 -23.26
C PHE B 378 -28.80 10.04 -22.86
N ASN B 379 -29.64 9.02 -22.73
CA ASN B 379 -31.04 9.31 -22.37
C ASN B 379 -31.15 9.88 -20.97
N THR B 380 -31.88 10.98 -20.85
CA THR B 380 -31.97 11.77 -19.62
C THR B 380 -33.21 11.49 -18.77
N SER B 381 -34.06 10.57 -19.21
CA SER B 381 -35.33 10.39 -18.53
C SER B 381 -35.78 8.94 -18.43
N MET B 382 -35.19 8.08 -19.25
CA MET B 382 -35.56 6.67 -19.26
C MET B 382 -35.52 6.07 -17.86
N LEU B 383 -34.46 6.38 -17.12
CA LEU B 383 -34.30 5.85 -15.78
C LEU B 383 -35.48 6.25 -14.91
N VAL B 384 -35.74 7.55 -14.89
CA VAL B 384 -36.84 8.08 -14.08
C VAL B 384 -38.22 7.61 -14.62
N ASP B 385 -38.33 7.56 -15.95
CA ASP B 385 -39.53 7.07 -16.64
C ASP B 385 -40.04 5.70 -16.13
N TYR B 386 -39.18 4.67 -16.17
CA TYR B 386 -39.59 3.30 -15.83
C TYR B 386 -39.44 2.95 -14.36
N GLY B 387 -38.44 3.58 -13.75
CA GLY B 387 -38.05 3.26 -12.39
C GLY B 387 -37.12 2.08 -12.46
N VAL B 388 -36.61 1.70 -11.28
CA VAL B 388 -35.65 0.62 -11.10
C VAL B 388 -36.20 -0.76 -11.40
N GLU B 389 -37.27 -1.14 -10.68
CA GLU B 389 -37.87 -2.46 -10.81
C GLU B 389 -37.95 -2.77 -12.27
N ALA B 390 -38.59 -1.86 -13.02
CA ALA B 390 -38.93 -2.10 -14.40
C ALA B 390 -37.68 -2.28 -15.28
N LEU B 391 -36.64 -1.54 -14.95
CA LEU B 391 -35.40 -1.60 -15.69
C LEU B 391 -34.46 -2.69 -15.19
N VAL B 392 -34.74 -3.22 -14.01
CA VAL B 392 -34.06 -4.43 -13.57
C VAL B 392 -34.71 -5.64 -14.24
N ASP B 393 -36.03 -5.67 -14.27
CA ASP B 393 -36.70 -6.74 -14.96
C ASP B 393 -36.19 -6.87 -16.41
N ALA B 394 -36.08 -5.75 -17.10
CA ALA B 394 -35.72 -5.75 -18.50
C ALA B 394 -34.29 -6.22 -18.79
N PHE B 395 -33.33 -5.78 -17.99
CA PHE B 395 -31.92 -6.07 -18.27
C PHE B 395 -31.58 -7.50 -17.95
N SER B 396 -32.30 -8.02 -16.95
CA SER B 396 -32.16 -9.37 -16.50
C SER B 396 -32.82 -10.34 -17.47
N ARG B 397 -33.72 -9.85 -18.31
CA ARG B 397 -34.39 -10.71 -19.29
C ARG B 397 -33.73 -10.75 -20.67
N GLN B 398 -32.88 -9.77 -20.97
CA GLN B 398 -32.20 -9.73 -22.27
C GLN B 398 -30.81 -10.41 -22.34
N PRO B 399 -30.64 -11.32 -23.30
CA PRO B 399 -29.36 -12.02 -23.48
C PRO B 399 -28.24 -11.08 -23.92
N ALA B 400 -27.06 -11.20 -23.32
CA ALA B 400 -25.93 -10.37 -23.69
C ALA B 400 -25.17 -11.06 -24.81
N GLY B 401 -24.39 -10.29 -25.58
CA GLY B 401 -23.53 -10.83 -26.65
C GLY B 401 -22.43 -11.73 -26.11
N ARG B 402 -22.22 -12.88 -26.74
CA ARG B 402 -21.09 -13.70 -26.32
C ARG B 402 -19.81 -12.86 -26.48
N ILE B 403 -18.86 -12.96 -25.56
CA ILE B 403 -17.63 -12.17 -25.68
C ILE B 403 -16.62 -12.73 -26.70
N GLY B 404 -16.19 -13.98 -26.54
CA GLY B 404 -15.14 -14.53 -27.40
C GLY B 404 -15.64 -14.98 -28.76
N GLY B 405 -14.74 -15.50 -29.59
CA GLY B 405 -15.11 -16.06 -30.90
C GLY B 405 -15.30 -15.09 -32.06
N GLY B 406 -15.17 -13.79 -31.81
CA GLY B 406 -15.21 -12.75 -32.88
C GLY B 406 -16.57 -12.26 -33.37
N ARG B 407 -16.53 -11.36 -34.35
CA ARG B 407 -17.74 -10.82 -35.04
C ARG B 407 -18.95 -10.74 -34.13
N ASN B 408 -18.83 -9.97 -33.06
CA ASN B 408 -19.93 -9.78 -32.16
C ASN B 408 -19.74 -8.49 -31.34
N ILE B 409 -19.31 -7.42 -32.01
CA ILE B 409 -19.36 -6.06 -31.46
C ILE B 409 -20.23 -5.17 -32.36
N ASP B 410 -21.16 -4.47 -31.73
CA ASP B 410 -22.11 -3.64 -32.45
C ASP B 410 -21.39 -2.43 -33.01
N HIS B 411 -21.73 -2.06 -34.24
CA HIS B 411 -20.98 -1.00 -34.92
C HIS B 411 -20.95 0.31 -34.14
N HIS B 412 -21.99 0.56 -33.34
CA HIS B 412 -22.04 1.77 -32.52
C HIS B 412 -20.84 1.98 -31.62
N ILE B 413 -20.15 0.91 -31.23
CA ILE B 413 -19.09 1.03 -30.23
C ILE B 413 -17.77 0.39 -30.67
N LEU B 414 -17.75 -0.08 -31.92
CA LEU B 414 -16.58 -0.73 -32.47
C LEU B 414 -15.30 0.12 -32.39
N HIS B 415 -15.47 1.45 -32.34
CA HIS B 415 -14.34 2.38 -32.23
C HIS B 415 -13.55 2.26 -30.92
N VAL B 416 -14.20 1.72 -29.88
CA VAL B 416 -13.52 1.44 -28.63
C VAL B 416 -12.40 0.42 -28.89
N ALA B 417 -12.78 -0.66 -29.58
CA ALA B 417 -11.92 -1.78 -29.86
C ALA B 417 -10.72 -1.32 -30.66
N VAL B 418 -11.01 -0.53 -31.70
CA VAL B 418 -10.01 0.14 -32.51
C VAL B 418 -8.98 0.83 -31.59
N ASP B 419 -9.47 1.72 -30.74
CA ASP B 419 -8.62 2.45 -29.81
C ASP B 419 -7.80 1.56 -28.86
N VAL B 420 -8.48 0.60 -28.21
CA VAL B 420 -7.83 -0.42 -27.41
C VAL B 420 -6.57 -0.96 -28.07
N ILE B 421 -6.72 -1.35 -29.33
CA ILE B 421 -5.60 -1.84 -30.13
C ILE B 421 -4.56 -0.73 -30.28
N LYS B 422 -5.02 0.41 -30.80
CA LYS B 422 -4.15 1.54 -31.02
C LYS B 422 -3.47 1.91 -29.71
N GLU B 423 -4.20 1.69 -28.61
CA GLU B 423 -3.75 2.07 -27.27
C GLU B 423 -2.68 1.07 -26.83
N SER B 424 -3.02 -0.20 -27.01
CA SER B 424 -2.09 -1.30 -26.87
C SER B 424 -0.72 -1.00 -27.51
N ARG B 425 -0.72 -0.46 -28.73
CA ARG B 425 0.52 -0.18 -29.48
C ARG B 425 1.38 0.97 -28.93
N VAL B 426 0.70 2.02 -28.42
CA VAL B 426 1.35 3.12 -27.71
C VAL B 426 2.02 2.54 -26.46
N LEU B 427 1.26 1.73 -25.72
CA LEU B 427 1.73 1.11 -24.49
C LEU B 427 2.81 0.04 -24.71
N ARG B 428 3.20 -0.15 -25.97
CA ARG B 428 4.15 -1.19 -26.33
C ARG B 428 3.92 -2.56 -25.61
N LEU B 429 2.64 -2.91 -25.42
CA LEU B 429 2.20 -4.18 -24.79
C LEU B 429 2.80 -5.36 -25.51
N GLN B 430 3.21 -6.39 -24.77
CA GLN B 430 3.92 -7.52 -25.39
C GLN B 430 3.00 -8.40 -26.23
N PRO B 431 3.56 -9.33 -27.02
CA PRO B 431 2.65 -10.18 -27.76
C PRO B 431 1.78 -11.05 -26.85
N PHE B 432 0.59 -11.33 -27.34
CA PHE B 432 -0.31 -12.31 -26.79
C PHE B 432 0.41 -13.60 -26.36
N ASN B 433 1.19 -14.18 -27.26
CA ASN B 433 1.95 -15.39 -26.90
C ASN B 433 2.88 -15.21 -25.73
N GLU B 434 3.46 -14.01 -25.61
CA GLU B 434 4.33 -13.74 -24.50
C GLU B 434 3.54 -13.71 -23.22
N TYR B 435 2.23 -13.46 -23.35
CA TYR B 435 1.35 -13.39 -22.21
C TYR B 435 0.76 -14.75 -21.85
N ARG B 436 0.51 -15.58 -22.86
CA ARG B 436 0.23 -16.99 -22.64
C ARG B 436 1.26 -17.59 -21.65
N LYS B 437 2.53 -17.53 -22.04
CA LYS B 437 3.62 -18.08 -21.27
C LYS B 437 3.63 -17.56 -19.85
N ARG B 438 3.35 -16.27 -19.73
CA ARG B 438 3.36 -15.60 -18.44
C ARG B 438 2.14 -15.97 -17.58
N PHE B 439 1.03 -16.33 -18.23
CA PHE B 439 -0.09 -16.81 -17.45
C PHE B 439 -0.23 -18.32 -17.54
N GLY B 440 0.94 -18.99 -17.63
CA GLY B 440 1.10 -20.43 -17.49
C GLY B 440 0.52 -21.32 -18.58
N MET B 441 0.37 -20.76 -19.79
CA MET B 441 -0.01 -21.53 -20.98
C MET B 441 1.15 -21.69 -21.93
N LYS B 442 1.00 -22.62 -22.86
CA LYS B 442 1.92 -22.72 -23.96
C LYS B 442 1.62 -21.61 -25.00
N PRO B 443 2.65 -21.12 -25.72
CA PRO B 443 2.32 -20.24 -26.83
C PRO B 443 1.63 -21.04 -27.94
N TYR B 444 0.75 -20.40 -28.70
CA TYR B 444 0.22 -20.99 -29.94
C TYR B 444 1.29 -21.00 -31.02
N THR B 445 1.39 -22.12 -31.71
CA THR B 445 2.34 -22.29 -32.78
C THR B 445 1.82 -21.75 -34.12
N SER B 446 0.51 -21.57 -34.21
CA SER B 446 -0.09 -21.15 -35.46
C SER B 446 -1.32 -20.29 -35.25
N PHE B 447 -1.83 -19.72 -36.34
CA PHE B 447 -3.10 -19.02 -36.29
C PHE B 447 -4.28 -19.97 -36.27
N GLN B 448 -4.03 -21.18 -36.75
CA GLN B 448 -5.04 -22.24 -36.82
C GLN B 448 -5.34 -22.73 -35.42
N GLU B 449 -4.26 -22.97 -34.68
CA GLU B 449 -4.34 -23.40 -33.31
C GLU B 449 -5.08 -22.36 -32.47
N LEU B 450 -4.95 -21.09 -32.84
CA LEU B 450 -5.63 -20.02 -32.12
C LEU B 450 -7.14 -20.04 -32.36
N THR B 451 -7.53 -20.00 -33.62
CA THR B 451 -8.92 -19.83 -34.01
C THR B 451 -9.73 -21.14 -34.12
N GLY B 452 -9.03 -22.27 -34.24
CA GLY B 452 -9.68 -23.57 -34.43
C GLY B 452 -10.55 -23.51 -35.67
N GLU B 453 -9.94 -23.00 -36.77
CA GLU B 453 -10.62 -22.66 -38.02
C GLU B 453 -9.58 -22.11 -39.01
N LYS B 454 -9.91 -22.07 -40.30
CA LYS B 454 -8.92 -21.79 -41.34
C LYS B 454 -9.01 -20.40 -41.96
N GLU B 455 -10.24 -19.93 -42.17
CA GLU B 455 -10.48 -18.67 -42.89
C GLU B 455 -9.96 -17.41 -42.19
N MET B 456 -10.45 -17.14 -40.97
CA MET B 456 -9.89 -16.05 -40.16
C MET B 456 -8.41 -16.28 -40.01
N ALA B 457 -8.03 -17.53 -39.70
CA ALA B 457 -6.65 -17.90 -39.40
C ALA B 457 -5.72 -17.43 -40.49
N ALA B 458 -5.82 -18.08 -41.65
CA ALA B 458 -4.95 -17.80 -42.77
C ALA B 458 -5.07 -16.34 -43.22
N GLU B 459 -6.22 -15.72 -42.92
CA GLU B 459 -6.39 -14.31 -43.21
C GLU B 459 -5.54 -13.46 -42.25
N LEU B 460 -5.54 -13.84 -40.98
CA LEU B 460 -4.75 -13.17 -39.95
C LEU B 460 -3.28 -13.48 -40.14
N GLU B 461 -3.02 -14.72 -40.55
CA GLU B 461 -1.65 -15.19 -40.78
C GLU B 461 -0.90 -14.23 -41.69
N GLU B 462 -1.60 -13.64 -42.65
CA GLU B 462 -0.96 -12.82 -43.68
C GLU B 462 -0.97 -11.34 -43.36
N LEU B 463 -2.00 -10.91 -42.64
CA LEU B 463 -1.99 -9.59 -42.03
C LEU B 463 -0.85 -9.49 -41.03
N TYR B 464 -0.69 -10.50 -40.17
CA TYR B 464 0.27 -10.46 -39.06
C TYR B 464 1.66 -11.06 -39.32
N GLY B 465 1.79 -11.87 -40.39
CA GLY B 465 3.05 -12.55 -40.72
C GLY B 465 3.37 -13.76 -39.85
N ASP B 466 3.39 -13.54 -38.54
CA ASP B 466 3.64 -14.62 -37.59
C ASP B 466 2.61 -14.57 -36.45
N ILE B 467 2.40 -15.71 -35.81
CA ILE B 467 1.49 -15.81 -34.66
C ILE B 467 2.08 -15.19 -33.39
N ASP B 468 3.41 -15.11 -33.34
CA ASP B 468 4.09 -14.49 -32.22
C ASP B 468 4.14 -12.98 -32.36
N ALA B 469 3.49 -12.50 -33.41
CA ALA B 469 3.30 -11.08 -33.62
C ALA B 469 1.87 -10.68 -33.30
N LEU B 470 0.98 -11.67 -33.16
CA LEU B 470 -0.39 -11.44 -32.74
C LEU B 470 -0.38 -10.66 -31.45
N GLU B 471 -1.24 -9.65 -31.39
CA GLU B 471 -1.32 -8.77 -30.25
C GLU B 471 -2.20 -9.33 -29.15
N PHE B 472 -2.04 -8.75 -27.97
CA PHE B 472 -2.80 -9.07 -26.78
C PHE B 472 -4.31 -9.08 -27.02
N TYR B 473 -4.90 -7.91 -27.24
CA TYR B 473 -6.35 -7.78 -27.22
C TYR B 473 -7.07 -8.44 -28.39
N PRO B 474 -6.58 -8.21 -29.61
CA PRO B 474 -7.22 -8.96 -30.68
C PRO B 474 -7.17 -10.44 -30.35
N GLY B 475 -6.02 -10.88 -29.86
CA GLY B 475 -5.82 -12.29 -29.59
C GLY B 475 -6.84 -12.87 -28.65
N LEU B 476 -7.12 -12.15 -27.56
CA LEU B 476 -8.10 -12.60 -26.58
C LEU B 476 -9.48 -12.83 -27.20
N LEU B 477 -9.82 -12.04 -28.22
CA LEU B 477 -11.19 -12.00 -28.70
C LEU B 477 -11.48 -12.88 -29.89
N LEU B 478 -10.43 -13.54 -30.39
CA LEU B 478 -10.53 -14.23 -31.67
C LEU B 478 -10.23 -15.70 -31.49
N GLU B 479 -9.60 -16.00 -30.37
CA GLU B 479 -9.41 -17.36 -29.90
C GLU B 479 -10.73 -18.08 -29.85
N LYS B 480 -10.68 -19.39 -30.12
CA LYS B 480 -11.88 -20.25 -30.09
C LYS B 480 -12.45 -20.39 -28.68
N CYS B 481 -13.75 -20.66 -28.60
CA CYS B 481 -14.42 -20.95 -27.33
C CYS B 481 -15.14 -22.27 -27.38
N HIS B 482 -14.86 -23.12 -26.40
CA HIS B 482 -15.65 -24.31 -26.18
C HIS B 482 -17.09 -23.87 -26.34
N PRO B 483 -17.92 -24.66 -27.04
CA PRO B 483 -19.32 -24.22 -27.10
C PRO B 483 -19.76 -24.01 -25.67
N ASN B 484 -20.98 -23.53 -25.44
CA ASN B 484 -21.45 -23.38 -24.06
C ASN B 484 -20.65 -22.36 -23.23
N SER B 485 -19.63 -21.74 -23.81
CA SER B 485 -18.79 -20.78 -23.11
C SER B 485 -18.90 -19.33 -23.60
N ILE B 486 -18.62 -18.38 -22.72
CA ILE B 486 -18.69 -16.95 -23.01
C ILE B 486 -17.38 -16.45 -23.64
N PHE B 487 -16.24 -16.95 -23.18
CA PHE B 487 -14.99 -16.65 -23.86
C PHE B 487 -13.91 -17.72 -23.77
N GLY B 488 -12.71 -17.38 -24.27
CA GLY B 488 -11.63 -18.33 -24.47
C GLY B 488 -10.68 -18.46 -23.30
N GLU B 489 -10.01 -19.61 -23.21
CA GLU B 489 -9.12 -19.95 -22.10
C GLU B 489 -8.21 -18.80 -21.69
N SER B 490 -7.68 -18.04 -22.63
CA SER B 490 -6.75 -17.00 -22.27
C SER B 490 -7.44 -15.88 -21.53
N MET B 491 -8.71 -15.63 -21.82
CA MET B 491 -9.45 -14.64 -21.05
C MET B 491 -9.59 -15.08 -19.60
N ILE B 492 -9.95 -16.36 -19.39
CA ILE B 492 -10.06 -16.92 -18.03
C ILE B 492 -8.69 -16.87 -17.33
N GLU B 493 -7.71 -17.52 -17.95
CA GLU B 493 -6.39 -17.65 -17.37
C GLU B 493 -5.63 -16.34 -17.23
N MET B 494 -5.93 -15.35 -18.06
CA MET B 494 -5.30 -14.02 -17.88
C MET B 494 -6.10 -13.11 -16.96
N GLY B 495 -7.42 -13.17 -17.09
CA GLY B 495 -8.29 -12.28 -16.37
C GLY B 495 -8.46 -12.70 -14.93
N ALA B 496 -8.76 -13.99 -14.70
CA ALA B 496 -9.04 -14.49 -13.36
C ALA B 496 -8.05 -14.03 -12.31
N PRO B 497 -6.71 -14.15 -12.56
CA PRO B 497 -5.68 -13.70 -11.60
C PRO B 497 -5.70 -12.20 -11.31
N PHE B 498 -5.97 -11.38 -12.32
CA PHE B 498 -6.14 -9.97 -12.08
C PHE B 498 -7.45 -9.75 -11.33
N SER B 499 -8.45 -10.54 -11.68
CA SER B 499 -9.76 -10.42 -11.06
C SER B 499 -9.74 -10.76 -9.55
N LEU B 500 -9.20 -11.92 -9.16
CA LEU B 500 -9.23 -12.32 -7.77
C LEU B 500 -8.34 -11.49 -6.90
N LYS B 501 -7.16 -11.12 -7.42
CA LYS B 501 -6.20 -10.29 -6.68
C LYS B 501 -6.86 -8.96 -6.39
N GLY B 502 -7.63 -8.47 -7.35
CA GLY B 502 -8.42 -7.25 -7.22
C GLY B 502 -9.51 -7.33 -6.17
N LEU B 503 -10.10 -8.51 -5.93
CA LEU B 503 -11.17 -8.66 -4.94
C LEU B 503 -10.64 -8.94 -3.55
N LEU B 504 -9.78 -9.94 -3.42
CA LEU B 504 -9.29 -10.32 -2.10
C LEU B 504 -8.17 -9.44 -1.54
N GLY B 505 -7.41 -8.77 -2.41
CA GLY B 505 -6.34 -7.88 -1.98
C GLY B 505 -6.85 -6.68 -1.19
N ASN B 506 -8.17 -6.51 -1.18
CA ASN B 506 -8.75 -5.37 -0.51
C ASN B 506 -8.51 -5.50 0.96
N PRO B 507 -8.16 -4.40 1.64
CA PRO B 507 -7.72 -4.49 3.01
C PRO B 507 -8.84 -4.89 3.94
N ILE B 508 -10.10 -4.84 3.50
CA ILE B 508 -11.16 -5.28 4.42
C ILE B 508 -11.18 -6.77 4.49
N CYS B 509 -10.30 -7.41 3.71
CA CYS B 509 -10.15 -8.88 3.73
C CYS B 509 -9.00 -9.32 4.60
N SER B 510 -8.50 -8.41 5.43
CA SER B 510 -7.33 -8.66 6.25
C SER B 510 -7.75 -9.06 7.65
N PRO B 511 -6.96 -9.93 8.31
CA PRO B 511 -7.08 -10.19 9.73
C PRO B 511 -7.39 -8.90 10.49
N GLU B 512 -6.66 -7.83 10.18
CA GLU B 512 -6.88 -6.54 10.84
C GLU B 512 -8.30 -6.03 10.68
N TYR B 513 -8.83 -6.06 9.46
CA TYR B 513 -10.10 -5.41 9.16
C TYR B 513 -11.30 -6.31 9.32
N TRP B 514 -11.27 -7.51 8.72
CA TRP B 514 -12.39 -8.49 8.75
C TRP B 514 -12.93 -8.87 10.15
N LYS B 515 -13.33 -7.87 10.94
CA LYS B 515 -13.93 -8.12 12.24
C LYS B 515 -15.28 -7.48 12.14
N ALA B 516 -16.17 -7.74 13.09
CA ALA B 516 -17.47 -7.11 13.04
C ALA B 516 -17.35 -5.62 13.39
N SER B 517 -16.59 -5.31 14.44
CA SER B 517 -16.35 -3.93 14.77
C SER B 517 -16.31 -3.07 13.49
N THR B 518 -15.47 -3.47 12.53
CA THR B 518 -15.24 -2.68 11.33
C THR B 518 -16.52 -2.26 10.67
N PHE B 519 -17.54 -3.10 10.83
CA PHE B 519 -18.82 -2.92 10.14
C PHE B 519 -19.88 -2.61 11.16
N GLY B 520 -19.51 -1.91 12.21
CA GLY B 520 -20.47 -1.62 13.29
C GLY B 520 -21.15 -2.87 13.83
N GLY B 521 -20.36 -3.87 14.20
CA GLY B 521 -20.89 -5.08 14.80
C GLY B 521 -21.61 -6.05 13.88
N GLU B 522 -22.51 -6.83 14.46
CA GLU B 522 -22.97 -8.08 13.88
C GLU B 522 -23.93 -7.90 12.71
N VAL B 523 -24.80 -6.89 12.81
CA VAL B 523 -25.72 -6.57 11.73
C VAL B 523 -24.93 -6.06 10.54
N GLY B 524 -23.91 -5.28 10.82
CA GLY B 524 -23.02 -4.83 9.77
C GLY B 524 -22.29 -5.99 9.14
N PHE B 525 -21.67 -6.82 9.96
CA PHE B 525 -21.00 -8.00 9.46
C PHE B 525 -21.94 -8.97 8.73
N ASN B 526 -23.13 -9.19 9.28
CA ASN B 526 -24.00 -10.16 8.65
C ASN B 526 -24.52 -9.65 7.31
N LEU B 527 -24.71 -8.34 7.23
CA LEU B 527 -25.13 -7.75 5.97
C LEU B 527 -24.12 -8.06 4.92
N VAL B 528 -22.83 -7.87 5.18
CA VAL B 528 -21.84 -8.26 4.20
C VAL B 528 -22.00 -9.75 3.89
N LYS B 529 -21.85 -10.61 4.90
CA LYS B 529 -21.85 -12.05 4.65
C LYS B 529 -23.04 -12.61 3.87
N THR B 530 -24.21 -11.99 3.97
CA THR B 530 -25.42 -12.55 3.31
C THR B 530 -25.93 -11.77 2.09
N ALA B 531 -25.15 -10.78 1.67
CA ALA B 531 -25.52 -9.86 0.59
C ALA B 531 -25.79 -10.61 -0.71
N THR B 532 -26.63 -10.06 -1.58
CA THR B 532 -27.11 -10.79 -2.75
C THR B 532 -27.52 -9.80 -3.83
N LEU B 533 -27.55 -10.22 -5.09
CA LEU B 533 -28.02 -9.36 -6.18
C LEU B 533 -29.53 -9.11 -6.02
N LYS B 534 -30.26 -10.17 -5.74
CA LYS B 534 -31.66 -10.05 -5.43
C LYS B 534 -31.84 -9.08 -4.28
N LYS B 535 -31.22 -9.39 -3.14
CA LYS B 535 -31.41 -8.57 -1.96
C LYS B 535 -31.05 -7.13 -2.25
N LEU B 536 -29.87 -6.89 -2.79
CA LEU B 536 -29.40 -5.54 -3.11
C LEU B 536 -30.49 -4.76 -3.84
N VAL B 537 -31.18 -5.41 -4.77
CA VAL B 537 -32.29 -4.78 -5.46
C VAL B 537 -33.52 -4.75 -4.58
N CYS B 538 -34.07 -5.93 -4.32
CA CYS B 538 -35.42 -6.03 -3.76
C CYS B 538 -35.58 -5.51 -2.33
N LEU B 539 -34.48 -5.29 -1.63
CA LEU B 539 -34.50 -4.58 -0.36
C LEU B 539 -34.68 -3.08 -0.56
N ASN B 540 -34.27 -2.57 -1.72
CA ASN B 540 -34.32 -1.15 -2.00
C ASN B 540 -35.42 -0.76 -2.98
N THR B 541 -36.42 -1.62 -3.21
CA THR B 541 -37.56 -1.27 -4.07
C THR B 541 -38.91 -1.67 -3.48
N LYS B 542 -39.99 -1.08 -4.01
CA LYS B 542 -41.34 -1.39 -3.53
C LYS B 542 -41.78 -2.80 -3.95
N THR B 543 -41.39 -3.22 -5.15
CA THR B 543 -41.68 -4.57 -5.68
C THR B 543 -40.41 -5.27 -6.18
N CYS B 544 -40.52 -6.49 -6.68
CA CYS B 544 -39.33 -7.29 -6.86
C CYS B 544 -39.36 -8.01 -8.20
N PRO B 545 -38.55 -7.52 -9.16
CA PRO B 545 -38.58 -8.01 -10.52
C PRO B 545 -37.68 -9.22 -10.66
N TYR B 546 -37.70 -9.86 -11.83
CA TYR B 546 -36.68 -10.84 -12.12
C TYR B 546 -35.31 -10.17 -11.98
N VAL B 547 -34.58 -10.59 -10.95
CA VAL B 547 -33.23 -10.09 -10.74
C VAL B 547 -32.25 -11.25 -10.76
N SER B 548 -31.24 -11.14 -11.61
CA SER B 548 -30.26 -12.18 -11.86
C SER B 548 -29.24 -11.73 -12.89
N PHE B 549 -28.10 -12.42 -12.91
CA PHE B 549 -27.07 -12.21 -13.94
C PHE B 549 -27.30 -13.15 -15.11
N HIS B 550 -28.42 -13.86 -15.10
CA HIS B 550 -28.78 -14.63 -16.26
C HIS B 550 -30.26 -14.49 -16.59
N VAL B 551 -30.56 -14.68 -17.88
CA VAL B 551 -31.92 -14.72 -18.40
C VAL B 551 -32.65 -15.86 -17.74
N PRO B 552 -33.98 -15.74 -17.62
CA PRO B 552 -34.76 -16.90 -17.18
C PRO B 552 -34.84 -17.92 -18.32
N ASP B 553 -35.53 -19.05 -18.10
CA ASP B 553 -35.69 -20.03 -19.18
C ASP B 553 -36.96 -19.86 -20.01
#